data_6GQF
#
_entry.id   6GQF
#
_cell.length_a   52.435
_cell.length_b   121.012
_cell.length_c   71.907
_cell.angle_alpha   90.00
_cell.angle_beta   110.84
_cell.angle_gamma   90.00
#
_symmetry.space_group_name_H-M   'P 1 21 1'
#
loop_
_entity.id
_entity.type
_entity.pdbx_description
1 polymer 'GRAM domain-containing protein 1A'
2 non-polymer 25-HYDROXYCHOLESTEROL
3 non-polymer GLYCEROL
#
_entity_poly.entity_id   1
_entity_poly.type   'polypeptide(L)'
_entity_poly.pdbx_seq_one_letter_code
;GAGPLDLLSREELLTDTSNSSSSTGEEGDLAALLPDLSGRLLINSVFHMGAERLQQMLFSDSPFLQGFLQQRKFTDVTLS
PWSSDSKCHQRRVLTYTIPISNQLGPKSASVVETQTLFRRGPQAGGCVVDSEVLTQGIPYQDYFYTAHRYCILGLARNKA
RLRVSSEIRYRKQPWSLVKSLIEKNSWSGIEDYFHHLDRELAKAEKLSLEEGGKDTRGLLSGLRRRKRPLS
;
_entity_poly.pdbx_strand_id   A,B,C,D
#
loop_
_chem_comp.id
_chem_comp.type
_chem_comp.name
_chem_comp.formula
GOL non-polymer GLYCEROL 'C3 H8 O3'
HC3 non-polymer 25-HYDROXYCHOLESTEROL 'C27 H46 O2'
#
# COMPACT_ATOMS: atom_id res chain seq x y z
N LEU A 33 10.18 11.86 -23.55
CA LEU A 33 8.96 12.06 -22.80
C LEU A 33 9.21 12.01 -21.30
N LEU A 34 9.15 10.82 -20.72
CA LEU A 34 9.25 10.66 -19.27
C LEU A 34 10.66 10.94 -18.75
N PRO A 35 10.77 11.77 -17.67
CA PRO A 35 12.09 12.08 -17.11
C PRO A 35 12.47 11.15 -15.97
N ASP A 36 13.47 11.56 -15.17
CA ASP A 36 13.90 10.79 -14.01
C ASP A 36 12.95 10.99 -12.82
N LEU A 37 13.28 10.36 -11.70
CA LEU A 37 12.48 10.46 -10.48
C LEU A 37 13.14 11.40 -9.48
N SER A 38 12.32 12.06 -8.67
CA SER A 38 12.79 13.04 -7.70
C SER A 38 13.30 12.38 -6.43
N GLY A 39 14.17 11.39 -6.60
CA GLY A 39 14.77 10.69 -5.47
C GLY A 39 16.27 10.64 -5.59
N ARG A 40 16.77 9.68 -6.36
CA ARG A 40 18.20 9.58 -6.65
C ARG A 40 18.45 8.87 -7.98
N LEU A 41 19.62 9.12 -8.56
CA LEU A 41 20.05 8.45 -9.77
C LEU A 41 20.99 7.31 -9.38
N LEU A 42 20.49 6.08 -9.47
CA LEU A 42 21.22 4.93 -8.95
C LEU A 42 22.25 4.41 -9.95
N ILE A 43 21.84 4.29 -11.20
CA ILE A 43 22.69 3.76 -12.26
C ILE A 43 22.70 4.67 -13.47
N ASN A 44 23.87 4.80 -14.09
CA ASN A 44 24.01 5.54 -15.33
C ASN A 44 25.25 5.04 -16.05
N SER A 45 25.12 3.86 -16.65
CA SER A 45 26.25 3.18 -17.29
C SER A 45 26.01 2.94 -18.77
N VAL A 46 27.10 2.82 -19.52
CA VAL A 46 27.02 2.44 -20.93
C VAL A 46 27.64 1.07 -21.09
N PHE A 47 26.88 0.17 -21.72
CA PHE A 47 27.31 -1.19 -21.94
C PHE A 47 27.48 -1.47 -23.42
N HIS A 48 28.41 -2.37 -23.75
CA HIS A 48 28.62 -2.79 -25.11
C HIS A 48 27.75 -4.00 -25.43
N MET A 49 26.51 -3.94 -24.95
CA MET A 49 25.49 -4.93 -25.28
C MET A 49 24.35 -4.19 -25.97
N GLY A 50 23.71 -4.86 -26.93
CA GLY A 50 22.58 -4.27 -27.61
C GLY A 50 21.47 -3.93 -26.63
N ALA A 51 20.67 -2.93 -26.98
CA ALA A 51 19.51 -2.57 -26.17
C ALA A 51 18.58 -3.77 -26.07
N GLU A 52 18.55 -4.57 -27.13
CA GLU A 52 17.68 -5.75 -27.18
C GLU A 52 18.18 -6.77 -26.17
N ARG A 53 19.48 -7.06 -26.24
CA ARG A 53 20.09 -8.03 -25.34
C ARG A 53 20.00 -7.56 -23.90
N LEU A 54 20.31 -6.29 -23.67
CA LEU A 54 20.29 -5.74 -22.32
C LEU A 54 18.88 -5.79 -21.75
N GLN A 55 17.90 -5.52 -22.62
CA GLN A 55 16.50 -5.61 -22.26
C GLN A 55 16.11 -7.05 -21.95
N GLN A 56 16.59 -7.98 -22.77
CA GLN A 56 16.34 -9.41 -22.56
C GLN A 56 16.90 -9.86 -21.21
N MET A 57 18.03 -9.29 -20.83
CA MET A 57 18.69 -9.70 -19.60
C MET A 57 17.94 -9.22 -18.36
N LEU A 58 17.38 -8.03 -18.43
CA LEU A 58 16.75 -7.40 -17.25
C LEU A 58 15.26 -7.66 -17.15
N PHE A 59 14.56 -7.73 -18.29
CA PHE A 59 13.11 -7.76 -18.28
C PHE A 59 12.53 -8.98 -18.98
N SER A 60 12.90 -10.15 -18.46
CA SER A 60 12.39 -11.44 -18.91
C SER A 60 12.88 -12.52 -17.95
N ASP A 61 12.47 -13.77 -18.17
CA ASP A 61 12.92 -14.88 -17.33
C ASP A 61 14.29 -15.36 -17.81
N SER A 62 15.25 -14.44 -17.83
CA SER A 62 16.58 -14.73 -18.35
C SER A 62 17.44 -15.44 -17.30
N PRO A 63 18.42 -16.25 -17.76
CA PRO A 63 19.30 -16.92 -16.80
C PRO A 63 20.18 -15.92 -16.05
N PHE A 64 20.31 -14.73 -16.60
CA PHE A 64 21.07 -13.67 -15.94
C PHE A 64 20.32 -13.20 -14.72
N LEU A 65 19.07 -12.79 -14.91
CA LEU A 65 18.26 -12.28 -13.82
C LEU A 65 18.00 -13.39 -12.81
N GLN A 66 17.97 -14.63 -13.28
CA GLN A 66 17.80 -15.77 -12.40
C GLN A 66 19.03 -15.94 -11.51
N GLY A 67 20.20 -15.96 -12.14
CA GLY A 67 21.45 -16.16 -11.44
C GLY A 67 21.80 -14.97 -10.54
N PHE A 68 21.19 -13.83 -10.82
CA PHE A 68 21.46 -12.61 -10.06
C PHE A 68 20.63 -12.54 -8.78
N LEU A 69 19.34 -12.86 -8.87
CA LEU A 69 18.47 -12.84 -7.69
C LEU A 69 18.87 -13.95 -6.73
N GLN A 70 19.36 -15.05 -7.29
CA GLN A 70 19.95 -16.12 -6.50
C GLN A 70 21.18 -15.59 -5.77
N GLN A 71 21.92 -14.70 -6.42
CA GLN A 71 23.16 -14.18 -5.89
C GLN A 71 22.94 -13.20 -4.73
N ARG A 72 21.85 -12.43 -4.79
CA ARG A 72 21.50 -11.52 -3.69
C ARG A 72 20.59 -12.21 -2.68
N LYS A 73 20.52 -13.53 -2.77
CA LYS A 73 19.86 -14.36 -1.77
C LYS A 73 18.35 -14.13 -1.72
N PHE A 74 17.70 -14.15 -2.87
CA PHE A 74 16.25 -14.03 -2.94
C PHE A 74 15.63 -15.39 -3.18
N THR A 75 14.64 -15.74 -2.36
CA THR A 75 13.98 -17.03 -2.45
C THR A 75 12.52 -16.86 -2.88
N ASP A 76 11.89 -17.98 -3.24
CA ASP A 76 10.49 -17.99 -3.64
C ASP A 76 10.26 -17.00 -4.79
N VAL A 77 11.22 -16.94 -5.70
CA VAL A 77 11.11 -16.03 -6.84
C VAL A 77 10.14 -16.58 -7.88
N THR A 78 9.12 -15.77 -8.19
CA THR A 78 8.09 -16.17 -9.14
C THR A 78 7.80 -15.05 -10.12
N LEU A 79 7.97 -15.37 -11.40
CA LEU A 79 7.77 -14.39 -12.46
C LEU A 79 6.50 -14.69 -13.24
N SER A 80 5.92 -13.65 -13.85
CA SER A 80 4.80 -13.82 -14.76
C SER A 80 5.19 -13.31 -16.14
N PRO A 81 4.58 -13.89 -17.19
CA PRO A 81 4.82 -13.35 -18.53
C PRO A 81 4.21 -11.96 -18.67
N TRP A 82 4.69 -11.18 -19.64
CA TRP A 82 4.12 -9.86 -19.88
C TRP A 82 2.70 -9.97 -20.43
N SER A 83 1.85 -9.05 -20.01
CA SER A 83 0.51 -8.96 -20.56
C SER A 83 0.63 -8.57 -22.04
N SER A 84 -0.48 -8.64 -22.76
CA SER A 84 -0.45 -8.44 -24.21
C SER A 84 -1.60 -7.59 -24.73
N ASP A 85 -2.73 -7.60 -24.02
CA ASP A 85 -3.95 -6.97 -24.51
C ASP A 85 -3.82 -5.44 -24.66
N SER A 86 -2.82 -4.85 -24.01
CA SER A 86 -2.62 -3.41 -24.09
C SER A 86 -1.86 -3.04 -25.35
N LYS A 87 -2.14 -1.84 -25.87
CA LYS A 87 -1.60 -1.39 -27.15
C LYS A 87 -0.29 -0.60 -27.04
N CYS A 88 -0.15 0.22 -26.00
CA CYS A 88 1.00 1.12 -25.85
C CYS A 88 2.01 0.64 -24.81
N HIS A 89 1.61 -0.29 -23.95
CA HIS A 89 2.53 -0.84 -22.96
C HIS A 89 2.20 -2.29 -22.60
N GLN A 90 3.02 -2.87 -21.72
CA GLN A 90 2.80 -4.23 -21.22
C GLN A 90 3.01 -4.21 -19.71
N ARG A 91 2.55 -5.25 -19.02
CA ARG A 91 2.69 -5.34 -17.57
C ARG A 91 2.95 -6.77 -17.12
N ARG A 92 3.81 -6.91 -16.12
CA ARG A 92 4.00 -8.17 -15.43
C ARG A 92 4.11 -7.89 -13.94
N VAL A 93 4.13 -8.95 -13.15
CA VAL A 93 4.29 -8.85 -11.71
C VAL A 93 5.29 -9.90 -11.22
N LEU A 94 6.07 -9.52 -10.22
CA LEU A 94 7.07 -10.40 -9.60
C LEU A 94 6.78 -10.53 -8.13
N THR A 95 7.25 -11.62 -7.53
CA THR A 95 7.23 -11.73 -6.09
C THR A 95 8.45 -12.53 -5.66
N TYR A 96 9.00 -12.18 -4.50
CA TYR A 96 10.13 -12.90 -3.95
C TYR A 96 10.35 -12.52 -2.50
N THR A 97 10.96 -13.44 -1.76
CA THR A 97 11.31 -13.21 -0.38
C THR A 97 12.75 -12.72 -0.31
N ILE A 98 12.98 -11.72 0.53
CA ILE A 98 14.30 -11.12 0.66
C ILE A 98 14.80 -11.22 2.10
N PRO A 99 16.12 -11.14 2.29
CA PRO A 99 16.71 -11.05 3.63
C PRO A 99 16.76 -9.62 4.15
N ILE A 100 16.54 -9.43 5.45
CA ILE A 100 16.67 -8.13 6.09
C ILE A 100 17.86 -8.18 7.05
N SER A 101 18.76 -7.21 6.91
CA SER A 101 20.00 -7.17 7.69
C SER A 101 19.95 -6.12 8.80
N ASN A 102 19.32 -4.99 8.53
CA ASN A 102 19.19 -3.92 9.52
C ASN A 102 18.49 -4.44 10.78
N GLN A 103 19.19 -4.36 11.91
CA GLN A 103 18.69 -4.91 13.17
C GLN A 103 17.37 -4.26 13.58
N LEU A 104 16.32 -4.62 12.85
CA LEU A 104 15.00 -4.04 13.10
C LEU A 104 13.92 -5.02 12.66
N GLY A 105 13.28 -5.65 13.64
CA GLY A 105 12.18 -6.56 13.38
C GLY A 105 12.59 -7.87 12.73
N PRO A 106 11.81 -8.34 11.75
CA PRO A 106 12.07 -9.61 11.08
C PRO A 106 13.43 -9.67 10.36
N LYS A 107 13.84 -10.89 10.03
CA LYS A 107 15.09 -11.12 9.30
C LYS A 107 14.79 -11.50 7.85
N SER A 108 13.55 -11.29 7.44
CA SER A 108 13.14 -11.53 6.06
C SER A 108 11.82 -10.83 5.76
N ALA A 109 11.47 -10.76 4.48
CA ALA A 109 10.25 -10.09 4.04
C ALA A 109 9.87 -10.48 2.62
N SER A 110 8.59 -10.33 2.29
CA SER A 110 8.11 -10.60 0.94
C SER A 110 8.05 -9.30 0.16
N VAL A 111 8.23 -9.41 -1.15
CA VAL A 111 8.22 -8.25 -2.04
C VAL A 111 7.42 -8.54 -3.28
N VAL A 112 6.27 -7.89 -3.41
CA VAL A 112 5.50 -7.93 -4.64
C VAL A 112 5.89 -6.74 -5.49
N GLU A 113 6.22 -7.01 -6.75
CA GLU A 113 6.65 -5.97 -7.67
C GLU A 113 5.80 -5.97 -8.94
N THR A 114 5.54 -4.77 -9.46
CA THR A 114 4.79 -4.59 -10.70
C THR A 114 5.60 -3.78 -11.69
N GLN A 115 5.77 -4.31 -12.90
CA GLN A 115 6.57 -3.64 -13.93
C GLN A 115 5.74 -3.35 -15.17
N THR A 116 5.82 -2.11 -15.67
CA THR A 116 5.16 -1.69 -16.89
C THR A 116 6.17 -1.26 -17.95
N LEU A 117 6.22 -1.98 -19.07
CA LEU A 117 7.20 -1.72 -20.12
C LEU A 117 6.64 -0.86 -21.24
N PHE A 118 7.37 0.19 -21.59
CA PHE A 118 7.04 1.05 -22.73
C PHE A 118 8.14 0.98 -23.78
N ARG A 119 7.80 0.50 -24.97
CA ARG A 119 8.77 0.37 -26.05
C ARG A 119 8.97 1.70 -26.75
N ARG A 120 10.21 2.20 -26.74
CA ARG A 120 10.56 3.47 -27.37
C ARG A 120 11.99 3.44 -27.86
N GLY A 126 15.22 1.50 -27.92
CA GLY A 126 15.23 0.73 -26.68
C GLY A 126 13.88 0.68 -26.00
N CYS A 127 13.86 0.91 -24.69
CA CYS A 127 12.61 0.84 -23.92
C CYS A 127 12.72 1.56 -22.57
N VAL A 128 11.58 1.70 -21.91
CA VAL A 128 11.52 2.19 -20.53
C VAL A 128 10.53 1.33 -19.75
N VAL A 129 10.83 1.08 -18.48
CA VAL A 129 9.90 0.32 -17.64
C VAL A 129 9.81 0.94 -16.26
N ASP A 130 8.57 1.14 -15.82
CA ASP A 130 8.27 1.63 -14.47
C ASP A 130 8.02 0.47 -13.54
N SER A 131 8.55 0.57 -12.33
CA SER A 131 8.47 -0.51 -11.35
C SER A 131 7.90 -0.01 -10.03
N GLU A 132 6.85 -0.68 -9.55
CA GLU A 132 6.30 -0.44 -8.22
C GLU A 132 6.66 -1.60 -7.31
N VAL A 133 7.39 -1.31 -6.23
CA VAL A 133 7.88 -2.33 -5.31
C VAL A 133 7.23 -2.15 -3.96
N LEU A 134 6.45 -3.15 -3.56
CA LEU A 134 5.81 -3.17 -2.26
C LEU A 134 6.44 -4.28 -1.43
N THR A 135 7.09 -3.86 -0.36
CA THR A 135 7.70 -4.78 0.59
C THR A 135 6.73 -5.02 1.76
N GLN A 136 6.40 -6.28 1.99
CA GLN A 136 5.45 -6.65 3.02
C GLN A 136 6.16 -7.35 4.19
N GLY A 137 5.56 -7.29 5.36
CA GLY A 137 6.07 -8.01 6.52
C GLY A 137 7.11 -7.25 7.31
N ILE A 138 7.47 -6.07 6.83
CA ILE A 138 8.44 -5.23 7.52
C ILE A 138 7.73 -4.24 8.43
N PRO A 139 8.48 -3.62 9.36
CA PRO A 139 7.97 -2.49 10.13
C PRO A 139 7.63 -1.28 9.26
N TYR A 140 6.50 -0.64 9.51
CA TYR A 140 6.11 0.58 8.82
C TYR A 140 5.84 0.35 7.33
N GLN A 141 5.40 -0.86 6.98
CA GLN A 141 5.11 -1.19 5.58
C GLN A 141 3.93 -0.39 5.02
N ASP A 142 2.97 -0.06 5.88
CA ASP A 142 1.81 0.72 5.46
C ASP A 142 2.20 2.15 5.12
N TYR A 143 3.27 2.64 5.75
CA TYR A 143 3.65 4.03 5.60
C TYR A 143 4.12 4.40 4.20
N PHE A 144 4.84 3.47 3.55
CA PHE A 144 5.55 3.81 2.32
C PHE A 144 5.67 2.64 1.35
N TYR A 145 6.01 2.97 0.11
CA TYR A 145 6.44 2.00 -0.88
C TYR A 145 7.41 2.77 -1.79
N THR A 146 8.04 2.08 -2.74
CA THR A 146 9.07 2.72 -3.57
C THR A 146 8.81 2.54 -5.07
N ALA A 147 9.27 3.51 -5.86
CA ALA A 147 9.14 3.49 -7.31
C ALA A 147 10.52 3.59 -7.97
N HIS A 148 10.65 2.93 -9.12
CA HIS A 148 11.91 2.88 -9.86
C HIS A 148 11.65 2.92 -11.36
N ARG A 149 12.51 3.63 -12.08
CA ARG A 149 12.39 3.77 -13.53
C ARG A 149 13.67 3.32 -14.22
N TYR A 150 13.54 2.34 -15.11
CA TYR A 150 14.65 1.89 -15.95
C TYR A 150 14.54 2.52 -17.33
N CYS A 151 15.62 3.13 -17.81
CA CYS A 151 15.68 3.64 -19.18
C CYS A 151 16.77 2.91 -19.96
N ILE A 152 16.38 2.23 -21.04
CA ILE A 152 17.33 1.62 -21.97
C ILE A 152 17.28 2.36 -23.31
N LEU A 153 18.40 2.99 -23.67
CA LEU A 153 18.55 3.68 -24.94
C LEU A 153 19.69 3.09 -25.74
N GLY A 154 19.37 2.61 -26.94
CA GLY A 154 20.37 2.08 -27.85
C GLY A 154 21.33 3.16 -28.33
N LEU A 155 22.59 2.78 -28.52
CA LEU A 155 23.63 3.71 -28.96
C LEU A 155 24.27 3.25 -30.28
N ALA A 156 24.52 1.96 -30.38
CA ALA A 156 25.06 1.38 -31.61
C ALA A 156 24.58 -0.06 -31.77
N ARG A 157 25.11 -0.74 -32.79
CA ARG A 157 24.75 -2.13 -33.08
C ARG A 157 24.81 -2.99 -31.82
N ASN A 158 25.93 -2.92 -31.10
CA ASN A 158 26.10 -3.62 -29.83
C ASN A 158 26.56 -2.65 -28.75
N LYS A 159 25.71 -1.67 -28.45
CA LYS A 159 26.03 -0.65 -27.46
C LYS A 159 24.77 0.10 -27.03
N ALA A 160 24.55 0.17 -25.71
CA ALA A 160 23.38 0.85 -25.17
C ALA A 160 23.67 1.43 -23.79
N ARG A 161 22.88 2.43 -23.41
CA ARG A 161 22.99 3.06 -22.10
C ARG A 161 21.90 2.53 -21.17
N LEU A 162 22.19 2.53 -19.87
CA LEU A 162 21.22 2.14 -18.86
C LEU A 162 21.14 3.21 -17.76
N ARG A 163 19.93 3.71 -17.52
CA ARG A 163 19.68 4.64 -16.41
C ARG A 163 18.66 4.05 -15.44
N VAL A 164 18.91 4.22 -14.15
CA VAL A 164 17.95 3.83 -13.12
C VAL A 164 17.86 4.90 -12.05
N SER A 165 16.69 5.50 -11.95
CA SER A 165 16.38 6.45 -10.88
C SER A 165 15.29 5.85 -10.02
N SER A 166 15.23 6.29 -8.76
CA SER A 166 14.26 5.77 -7.82
C SER A 166 13.68 6.89 -6.98
N GLU A 167 12.65 6.59 -6.21
CA GLU A 167 12.10 7.53 -5.25
C GLU A 167 11.25 6.81 -4.22
N ILE A 168 11.15 7.40 -3.04
CA ILE A 168 10.33 6.87 -1.95
C ILE A 168 9.00 7.60 -1.93
N ARG A 169 7.93 6.83 -1.80
CA ARG A 169 6.57 7.37 -1.81
C ARG A 169 5.82 7.01 -0.53
N TYR A 170 5.39 8.04 0.20
CA TYR A 170 4.72 7.87 1.48
C TYR A 170 3.19 7.97 1.36
N ARG A 171 2.49 6.91 1.75
CA ARG A 171 1.03 6.95 1.82
C ARG A 171 0.59 7.86 2.96
N LYS A 172 1.38 7.89 4.02
CA LYS A 172 1.15 8.79 5.15
C LYS A 172 2.50 9.23 5.72
N GLN A 173 2.53 10.39 6.37
CA GLN A 173 3.78 10.96 6.85
C GLN A 173 4.09 10.54 8.28
N PRO A 174 5.17 9.76 8.47
CA PRO A 174 5.59 9.42 9.82
C PRO A 174 6.37 10.56 10.46
N TRP A 175 6.39 10.65 11.78
CA TRP A 175 7.10 11.74 12.42
C TRP A 175 8.60 11.60 12.18
N SER A 176 9.37 12.58 12.64
CA SER A 176 10.77 12.75 12.23
C SER A 176 11.63 11.49 12.46
N LEU A 177 11.54 10.93 13.66
CA LEU A 177 12.38 9.79 14.04
C LEU A 177 12.18 8.61 13.09
N VAL A 178 10.92 8.27 12.83
CA VAL A 178 10.56 7.12 11.99
C VAL A 178 11.01 7.36 10.55
N LYS A 179 10.68 8.52 10.01
CA LYS A 179 10.97 8.85 8.61
C LYS A 179 12.46 8.79 8.30
N SER A 180 13.28 9.33 9.21
CA SER A 180 14.73 9.33 9.02
C SER A 180 15.24 7.90 8.90
N LEU A 181 14.60 7.00 9.65
CA LEU A 181 14.98 5.60 9.65
C LEU A 181 14.55 4.89 8.37
N ILE A 182 13.37 5.22 7.86
CA ILE A 182 12.89 4.65 6.60
C ILE A 182 13.75 5.12 5.43
N GLU A 183 14.08 6.41 5.41
CA GLU A 183 14.97 6.98 4.39
C GLU A 183 16.34 6.29 4.41
N LYS A 184 16.91 6.18 5.61
CA LYS A 184 18.24 5.61 5.79
C LYS A 184 18.34 4.16 5.33
N ASN A 185 17.49 3.30 5.89
CA ASN A 185 17.52 1.86 5.59
C ASN A 185 17.11 1.53 4.16
N SER A 186 16.14 2.27 3.64
CA SER A 186 15.66 2.06 2.27
C SER A 186 16.76 2.38 1.25
N TRP A 187 17.34 3.57 1.32
CA TRP A 187 18.36 3.97 0.36
C TRP A 187 19.61 3.12 0.44
N SER A 188 19.92 2.57 1.62
CA SER A 188 21.07 1.70 1.77
C SER A 188 20.83 0.37 1.05
N GLY A 189 19.62 -0.16 1.19
CA GLY A 189 19.23 -1.39 0.52
C GLY A 189 18.97 -1.22 -0.97
N ILE A 190 18.60 -0.01 -1.37
CA ILE A 190 18.35 0.29 -2.78
C ILE A 190 19.66 0.46 -3.54
N GLU A 191 20.60 1.19 -2.94
CA GLU A 191 21.89 1.43 -3.57
C GLU A 191 22.70 0.16 -3.61
N ASP A 192 22.64 -0.62 -2.53
CA ASP A 192 23.40 -1.86 -2.45
C ASP A 192 22.91 -2.84 -3.51
N TYR A 193 21.61 -2.79 -3.79
CA TYR A 193 21.03 -3.69 -4.78
C TYR A 193 21.44 -3.31 -6.20
N PHE A 194 21.22 -2.06 -6.57
CA PHE A 194 21.45 -1.61 -7.93
C PHE A 194 22.94 -1.48 -8.27
N HIS A 195 23.76 -1.17 -7.28
CA HIS A 195 25.20 -1.09 -7.53
C HIS A 195 25.75 -2.48 -7.84
N HIS A 196 25.22 -3.49 -7.17
CA HIS A 196 25.59 -4.88 -7.48
C HIS A 196 25.00 -5.31 -8.81
N LEU A 197 23.84 -4.75 -9.16
CA LEU A 197 23.22 -5.04 -10.45
C LEU A 197 24.05 -4.48 -11.59
N ASP A 198 24.65 -3.32 -11.34
CA ASP A 198 25.49 -2.65 -12.33
C ASP A 198 26.78 -3.42 -12.57
N ARG A 199 27.32 -3.98 -11.47
CA ARG A 199 28.57 -4.74 -11.54
C ARG A 199 28.39 -6.07 -12.27
N GLU A 200 27.23 -6.70 -12.11
CA GLU A 200 26.99 -8.00 -12.72
C GLU A 200 26.74 -7.89 -14.22
N LEU A 201 26.17 -6.77 -14.64
CA LEU A 201 25.99 -6.50 -16.06
C LEU A 201 27.33 -6.18 -16.70
N ALA A 202 28.20 -5.53 -15.92
CA ALA A 202 29.54 -5.20 -16.39
C ALA A 202 30.32 -6.47 -16.73
N LYS A 203 30.43 -7.39 -15.76
CA LYS A 203 31.16 -8.63 -15.97
C LYS A 203 30.48 -9.56 -16.97
N ALA A 204 29.22 -9.26 -17.30
CA ALA A 204 28.53 -9.96 -18.38
C ALA A 204 28.90 -9.29 -19.70
N GLU A 205 29.34 -10.10 -20.67
CA GLU A 205 29.82 -9.59 -21.95
C GLU A 205 29.35 -10.48 -23.10
N LEU B 34 -6.67 -21.88 11.63
CA LEU B 34 -6.91 -20.57 11.01
C LEU B 34 -8.40 -20.32 10.80
N PRO B 35 -8.97 -19.31 11.51
CA PRO B 35 -10.41 -19.03 11.37
C PRO B 35 -10.76 -18.21 10.12
N ASP B 36 -11.99 -17.72 10.04
CA ASP B 36 -12.41 -16.84 8.95
C ASP B 36 -12.10 -15.38 9.28
N LEU B 37 -11.98 -14.56 8.23
CA LEU B 37 -11.66 -13.13 8.38
C LEU B 37 -12.77 -12.35 9.07
N SER B 38 -12.37 -11.43 9.95
CA SER B 38 -13.32 -10.64 10.73
C SER B 38 -14.02 -9.60 9.86
N GLY B 39 -14.76 -10.07 8.86
CA GLY B 39 -15.51 -9.19 7.98
C GLY B 39 -16.86 -9.78 7.61
N ARG B 40 -16.93 -10.43 6.44
CA ARG B 40 -18.19 -10.99 5.96
C ARG B 40 -18.01 -12.35 5.31
N LEU B 41 -19.05 -13.18 5.39
CA LEU B 41 -19.07 -14.48 4.75
C LEU B 41 -19.76 -14.33 3.40
N LEU B 42 -19.07 -14.72 2.33
CA LEU B 42 -19.55 -14.46 0.98
C LEU B 42 -19.97 -15.74 0.25
N ILE B 43 -19.22 -16.81 0.47
CA ILE B 43 -19.51 -18.11 -0.14
C ILE B 43 -19.43 -19.20 0.92
N ASN B 44 -20.56 -19.88 1.13
CA ASN B 44 -20.60 -21.04 2.00
C ASN B 44 -21.48 -22.10 1.37
N SER B 45 -21.01 -22.63 0.24
CA SER B 45 -21.78 -23.57 -0.56
C SER B 45 -21.04 -24.89 -0.68
N VAL B 46 -21.76 -25.91 -1.15
CA VAL B 46 -21.19 -27.23 -1.40
C VAL B 46 -21.56 -27.66 -2.83
N PHE B 47 -20.64 -28.37 -3.47
CA PHE B 47 -20.87 -28.87 -4.83
C PHE B 47 -20.24 -30.25 -5.00
N HIS B 48 -20.86 -31.05 -5.85
CA HIS B 48 -20.38 -32.40 -6.11
C HIS B 48 -19.14 -32.36 -7.00
N MET B 49 -17.98 -32.12 -6.37
CA MET B 49 -16.71 -32.08 -7.09
C MET B 49 -15.55 -32.30 -6.13
N GLY B 50 -14.49 -32.94 -6.62
CA GLY B 50 -13.34 -33.28 -5.79
C GLY B 50 -12.66 -32.07 -5.19
N ALA B 51 -11.99 -32.27 -4.07
CA ALA B 51 -11.27 -31.20 -3.40
C ALA B 51 -10.10 -30.73 -4.26
N GLU B 52 -9.35 -31.68 -4.81
CA GLU B 52 -8.19 -31.38 -5.64
C GLU B 52 -8.60 -30.91 -7.03
N ARG B 53 -9.86 -31.12 -7.39
CA ARG B 53 -10.39 -30.69 -8.69
C ARG B 53 -10.83 -29.24 -8.64
N LEU B 54 -11.57 -28.88 -7.59
CA LEU B 54 -12.01 -27.50 -7.40
C LEU B 54 -10.80 -26.59 -7.19
N GLN B 55 -9.75 -27.16 -6.62
CA GLN B 55 -8.49 -26.45 -6.41
C GLN B 55 -7.88 -26.05 -7.76
N GLN B 56 -7.81 -27.02 -8.67
CA GLN B 56 -7.27 -26.80 -10.01
C GLN B 56 -8.06 -25.70 -10.74
N MET B 57 -9.36 -25.65 -10.49
CA MET B 57 -10.23 -24.71 -11.18
C MET B 57 -10.03 -23.27 -10.70
N LEU B 58 -9.55 -23.11 -9.47
CA LEU B 58 -9.42 -21.79 -8.85
C LEU B 58 -7.98 -21.31 -8.75
N PHE B 59 -7.09 -22.20 -8.30
CA PHE B 59 -5.72 -21.82 -8.01
C PHE B 59 -4.74 -22.37 -9.04
N SER B 60 -4.99 -22.01 -10.30
CA SER B 60 -4.10 -22.34 -11.40
C SER B 60 -4.58 -21.62 -12.66
N ASP B 61 -3.76 -21.61 -13.72
CA ASP B 61 -4.15 -20.99 -14.97
C ASP B 61 -5.10 -21.91 -15.71
N SER B 62 -6.29 -22.10 -15.13
CA SER B 62 -7.28 -23.03 -15.66
C SER B 62 -8.20 -22.34 -16.67
N PRO B 63 -8.84 -23.13 -17.56
CA PRO B 63 -9.83 -22.58 -18.48
C PRO B 63 -11.02 -22.01 -17.74
N PHE B 64 -11.40 -22.66 -16.64
CA PHE B 64 -12.50 -22.19 -15.81
C PHE B 64 -12.24 -20.77 -15.37
N LEU B 65 -11.07 -20.55 -14.78
CA LEU B 65 -10.67 -19.22 -14.35
C LEU B 65 -10.46 -18.33 -15.57
N GLN B 66 -9.86 -18.88 -16.62
CA GLN B 66 -9.60 -18.13 -17.85
C GLN B 66 -10.89 -17.58 -18.42
N GLY B 67 -11.95 -18.40 -18.41
CA GLY B 67 -13.22 -18.01 -18.98
C GLY B 67 -14.05 -17.13 -18.06
N PHE B 68 -13.88 -17.31 -16.74
CA PHE B 68 -14.64 -16.57 -15.77
C PHE B 68 -14.16 -15.12 -15.64
N LEU B 69 -12.86 -14.91 -15.82
CA LEU B 69 -12.30 -13.56 -15.77
C LEU B 69 -12.66 -12.82 -17.06
N GLN B 70 -12.62 -13.54 -18.17
CA GLN B 70 -13.02 -12.97 -19.46
C GLN B 70 -14.50 -12.61 -19.41
N GLN B 71 -15.25 -13.31 -18.55
CA GLN B 71 -16.69 -13.08 -18.40
C GLN B 71 -16.98 -11.77 -17.65
N ARG B 72 -16.21 -11.51 -16.59
CA ARG B 72 -16.40 -10.28 -15.80
C ARG B 72 -15.67 -9.08 -16.42
N LYS B 73 -15.32 -9.21 -17.70
CA LYS B 73 -14.71 -8.13 -18.49
C LYS B 73 -13.32 -7.72 -17.98
N PHE B 74 -12.48 -8.71 -17.70
CA PHE B 74 -11.11 -8.47 -17.26
C PHE B 74 -10.10 -8.68 -18.39
N THR B 75 -9.12 -7.79 -18.45
CA THR B 75 -8.12 -7.78 -19.51
C THR B 75 -6.70 -7.78 -18.96
N ASP B 76 -5.73 -7.92 -19.85
CA ASP B 76 -4.31 -7.92 -19.49
C ASP B 76 -4.03 -8.93 -18.38
N VAL B 77 -4.81 -10.00 -18.36
CA VAL B 77 -4.69 -11.00 -17.32
C VAL B 77 -3.44 -11.84 -17.52
N THR B 78 -2.53 -11.79 -16.55
CA THR B 78 -1.32 -12.58 -16.58
C THR B 78 -1.01 -13.11 -15.19
N LEU B 79 -0.74 -14.40 -15.11
CA LEU B 79 -0.57 -15.10 -13.85
C LEU B 79 0.83 -15.69 -13.79
N SER B 80 1.32 -15.87 -12.58
CA SER B 80 2.58 -16.55 -12.36
C SER B 80 2.33 -17.93 -11.75
N PRO B 81 3.30 -18.85 -11.91
CA PRO B 81 3.16 -20.15 -11.25
C PRO B 81 3.27 -20.03 -9.74
N TRP B 82 3.36 -21.16 -9.04
CA TRP B 82 3.52 -21.14 -7.60
C TRP B 82 4.99 -21.33 -7.26
N SER B 83 5.43 -20.74 -6.14
CA SER B 83 6.80 -20.87 -5.69
C SER B 83 7.11 -22.32 -5.32
N SER B 84 8.40 -22.66 -5.33
CA SER B 84 8.84 -24.03 -5.04
C SER B 84 10.12 -24.01 -4.21
N ASP B 85 10.11 -23.23 -3.14
CA ASP B 85 11.27 -23.10 -2.26
C ASP B 85 10.87 -23.22 -0.78
N SER B 86 9.62 -22.90 -0.48
CA SER B 86 9.10 -22.98 0.88
C SER B 86 8.26 -24.25 1.04
N LYS B 87 8.60 -25.04 2.06
CA LYS B 87 7.90 -26.28 2.35
C LYS B 87 6.56 -26.02 3.03
N CYS B 88 6.44 -24.85 3.67
CA CYS B 88 5.24 -24.50 4.42
C CYS B 88 4.11 -24.01 3.53
N HIS B 89 4.46 -23.16 2.57
CA HIS B 89 3.48 -22.58 1.68
C HIS B 89 4.06 -22.29 0.31
N GLN B 90 3.18 -22.10 -0.66
CA GLN B 90 3.57 -21.72 -2.00
C GLN B 90 2.80 -20.47 -2.37
N ARG B 91 3.52 -19.47 -2.89
CA ARG B 91 2.91 -18.19 -3.25
C ARG B 91 2.91 -17.96 -4.75
N ARG B 92 1.98 -17.12 -5.18
CA ARG B 92 1.95 -16.62 -6.54
C ARG B 92 1.33 -15.24 -6.55
N VAL B 93 1.52 -14.52 -7.65
CA VAL B 93 0.97 -13.19 -7.81
C VAL B 93 0.22 -13.08 -9.14
N LEU B 94 -0.89 -12.34 -9.12
CA LEU B 94 -1.74 -12.14 -10.29
C LEU B 94 -1.90 -10.65 -10.56
N THR B 95 -2.09 -10.29 -11.83
CA THR B 95 -2.44 -8.92 -12.17
C THR B 95 -3.46 -8.92 -13.30
N TYR B 96 -4.34 -7.92 -13.28
CA TYR B 96 -5.33 -7.77 -14.32
C TYR B 96 -5.99 -6.42 -14.21
N THR B 97 -6.55 -5.96 -15.31
CA THR B 97 -7.30 -4.71 -15.35
C THR B 97 -8.78 -5.01 -15.11
N ILE B 98 -9.44 -4.10 -14.40
CA ILE B 98 -10.86 -4.25 -14.12
C ILE B 98 -11.65 -3.02 -14.57
N PRO B 99 -12.96 -3.18 -14.78
CA PRO B 99 -13.86 -2.07 -15.11
C PRO B 99 -14.50 -1.46 -13.86
N ILE B 100 -14.56 -0.13 -13.80
CA ILE B 100 -15.20 0.58 -12.69
C ILE B 100 -16.48 1.24 -13.16
N SER B 101 -17.58 0.98 -12.45
CA SER B 101 -18.86 1.59 -12.74
C SER B 101 -19.41 2.30 -11.51
N ASN B 102 -18.54 2.54 -10.54
CA ASN B 102 -18.94 3.13 -9.26
C ASN B 102 -19.14 4.64 -9.37
N GLN B 103 -19.29 5.15 -10.59
CA GLN B 103 -19.63 6.56 -10.85
C GLN B 103 -18.47 7.51 -10.52
N LEU B 104 -17.50 7.04 -9.74
CA LEU B 104 -16.49 7.91 -9.16
C LEU B 104 -15.14 7.80 -9.87
N GLY B 105 -14.61 8.96 -10.25
CA GLY B 105 -13.28 9.03 -10.84
C GLY B 105 -13.17 8.30 -12.17
N PRO B 106 -12.04 7.60 -12.39
CA PRO B 106 -11.85 6.82 -13.62
C PRO B 106 -12.85 5.69 -13.81
N LYS B 107 -12.76 5.02 -14.96
CA LYS B 107 -13.70 3.98 -15.35
C LYS B 107 -13.02 2.63 -15.43
N SER B 108 -11.74 2.59 -15.07
CA SER B 108 -11.00 1.32 -15.02
C SER B 108 -9.87 1.38 -13.99
N ALA B 109 -9.30 0.22 -13.67
CA ALA B 109 -8.21 0.12 -12.71
C ALA B 109 -7.48 -1.21 -12.84
N SER B 110 -6.22 -1.24 -12.44
CA SER B 110 -5.46 -2.48 -12.42
C SER B 110 -5.45 -3.05 -11.01
N VAL B 111 -5.34 -4.37 -10.92
CA VAL B 111 -5.37 -5.07 -9.64
C VAL B 111 -4.11 -5.92 -9.53
N VAL B 112 -3.47 -5.87 -8.36
CA VAL B 112 -2.35 -6.76 -8.07
C VAL B 112 -2.76 -7.66 -6.91
N GLU B 113 -2.81 -8.96 -7.17
CA GLU B 113 -3.29 -9.92 -6.18
C GLU B 113 -2.19 -10.90 -5.77
N THR B 114 -1.98 -11.04 -4.47
CA THR B 114 -1.05 -12.01 -3.91
C THR B 114 -1.81 -13.18 -3.30
N GLN B 115 -1.39 -14.39 -3.61
CA GLN B 115 -2.03 -15.60 -3.06
C GLN B 115 -1.01 -16.53 -2.43
N THR B 116 -1.33 -16.99 -1.22
CA THR B 116 -0.48 -17.95 -0.51
C THR B 116 -1.28 -19.21 -0.21
N LEU B 117 -0.89 -20.32 -0.84
CA LEU B 117 -1.57 -21.60 -0.64
C LEU B 117 -0.88 -22.44 0.43
N PHE B 118 -1.68 -23.08 1.28
CA PHE B 118 -1.18 -23.94 2.34
C PHE B 118 -1.63 -25.39 2.19
N ARG B 119 -0.85 -26.32 2.76
CA ARG B 119 -1.15 -27.75 2.69
C ARG B 119 -2.14 -28.16 3.77
N ARG B 120 -2.54 -29.43 3.74
CA ARG B 120 -3.34 -30.00 4.82
C ARG B 120 -3.35 -31.53 4.75
N CYS B 127 -7.12 -27.55 1.40
CA CYS B 127 -6.12 -26.48 1.40
C CYS B 127 -6.75 -25.12 1.66
N VAL B 128 -5.92 -24.16 2.07
CA VAL B 128 -6.35 -22.78 2.31
C VAL B 128 -5.49 -21.82 1.49
N VAL B 129 -6.10 -20.74 1.03
CA VAL B 129 -5.38 -19.73 0.26
C VAL B 129 -5.74 -18.31 0.70
N ASP B 130 -4.81 -17.67 1.39
CA ASP B 130 -4.96 -16.26 1.75
C ASP B 130 -4.66 -15.39 0.55
N SER B 131 -5.49 -14.39 0.33
CA SER B 131 -5.35 -13.51 -0.81
C SER B 131 -5.30 -12.05 -0.38
N GLU B 132 -4.25 -11.34 -0.83
CA GLU B 132 -4.14 -9.89 -0.67
C GLU B 132 -4.38 -9.20 -2.02
N VAL B 133 -5.45 -8.43 -2.11
CA VAL B 133 -5.80 -7.73 -3.36
C VAL B 133 -5.55 -6.23 -3.27
N LEU B 134 -4.61 -5.75 -4.08
CA LEU B 134 -4.31 -4.33 -4.19
C LEU B 134 -4.98 -3.73 -5.40
N THR B 135 -5.52 -2.53 -5.24
CA THR B 135 -6.24 -1.85 -6.30
C THR B 135 -5.54 -0.54 -6.66
N GLN B 136 -5.04 -0.48 -7.89
CA GLN B 136 -4.25 0.67 -8.35
C GLN B 136 -5.04 1.55 -9.32
N GLY B 137 -4.89 2.86 -9.18
CA GLY B 137 -5.46 3.81 -10.12
C GLY B 137 -6.77 4.42 -9.66
N ILE B 138 -7.33 3.88 -8.59
CA ILE B 138 -8.58 4.39 -8.03
C ILE B 138 -8.29 5.51 -7.04
N PRO B 139 -9.32 6.31 -6.70
CA PRO B 139 -9.16 7.26 -5.61
C PRO B 139 -9.03 6.54 -4.26
N TYR B 140 -8.37 7.16 -3.30
CA TYR B 140 -8.20 6.60 -1.96
C TYR B 140 -7.52 5.23 -1.98
N GLN B 141 -6.69 4.99 -3.00
CA GLN B 141 -6.00 3.71 -3.12
C GLN B 141 -5.01 3.53 -1.98
N ASP B 142 -4.41 4.63 -1.55
CA ASP B 142 -3.42 4.60 -0.48
C ASP B 142 -4.08 4.35 0.86
N TYR B 143 -5.40 4.48 0.93
CA TYR B 143 -6.11 4.35 2.19
C TYR B 143 -6.35 2.91 2.59
N PHE B 144 -6.57 2.04 1.61
CA PHE B 144 -7.04 0.68 1.93
C PHE B 144 -6.64 -0.38 0.92
N TYR B 145 -6.86 -1.62 1.32
CA TYR B 145 -6.77 -2.78 0.45
C TYR B 145 -7.62 -3.86 1.13
N THR B 146 -7.80 -4.99 0.46
CA THR B 146 -8.70 -6.03 0.97
C THR B 146 -8.01 -7.38 1.10
N ALA B 147 -8.48 -8.19 2.04
CA ALA B 147 -7.95 -9.52 2.28
C ALA B 147 -9.05 -10.57 2.12
N HIS B 148 -8.68 -11.74 1.62
CA HIS B 148 -9.63 -12.80 1.33
C HIS B 148 -9.04 -14.17 1.67
N ARG B 149 -9.89 -15.04 2.23
CA ARG B 149 -9.46 -16.37 2.66
C ARG B 149 -10.37 -17.45 2.06
N TYR B 150 -9.81 -18.20 1.12
CA TYR B 150 -10.48 -19.34 0.52
C TYR B 150 -10.21 -20.62 1.33
N CYS B 151 -11.25 -21.38 1.60
CA CYS B 151 -11.13 -22.61 2.40
C CYS B 151 -11.76 -23.78 1.66
N ILE B 152 -10.94 -24.76 1.26
CA ILE B 152 -11.42 -25.94 0.56
C ILE B 152 -11.44 -27.15 1.51
N LEU B 153 -12.61 -27.77 1.63
CA LEU B 153 -12.83 -28.91 2.53
C LEU B 153 -13.56 -30.02 1.78
N GLY B 154 -12.92 -31.18 1.67
CA GLY B 154 -13.47 -32.28 0.91
C GLY B 154 -13.71 -33.55 1.71
N LEU B 155 -14.89 -34.12 1.55
CA LEU B 155 -15.24 -35.39 2.18
C LEU B 155 -14.62 -36.57 1.41
N ALA B 156 -14.91 -36.62 0.11
CA ALA B 156 -14.39 -37.69 -0.75
C ALA B 156 -14.46 -37.27 -2.22
N ARG B 157 -14.30 -38.24 -3.11
CA ARG B 157 -14.34 -37.98 -4.56
C ARG B 157 -15.67 -37.35 -4.94
N ASN B 158 -15.59 -36.22 -5.63
CA ASN B 158 -16.78 -35.49 -6.04
C ASN B 158 -17.61 -35.05 -4.82
N LYS B 159 -16.93 -34.78 -3.71
CA LYS B 159 -17.61 -34.39 -2.46
C LYS B 159 -16.78 -33.40 -1.65
N ALA B 160 -16.80 -32.13 -2.06
CA ALA B 160 -16.07 -31.09 -1.34
C ALA B 160 -16.84 -29.76 -1.35
N ARG B 161 -16.51 -28.90 -0.38
CA ARG B 161 -17.16 -27.60 -0.23
C ARG B 161 -16.15 -26.46 -0.09
N LEU B 162 -16.64 -25.24 -0.18
CA LEU B 162 -15.81 -24.04 -0.23
C LEU B 162 -16.33 -22.94 0.68
N ARG B 163 -15.46 -22.39 1.52
CA ARG B 163 -15.78 -21.19 2.29
C ARG B 163 -14.97 -20.01 1.76
N VAL B 164 -15.57 -18.81 1.84
CA VAL B 164 -14.90 -17.59 1.41
C VAL B 164 -15.35 -16.43 2.29
N SER B 165 -14.43 -15.96 3.13
CA SER B 165 -14.64 -14.75 3.91
C SER B 165 -13.73 -13.65 3.39
N SER B 166 -14.03 -12.40 3.75
CA SER B 166 -13.24 -11.26 3.32
C SER B 166 -13.27 -10.15 4.37
N GLU B 167 -12.34 -9.22 4.26
CA GLU B 167 -12.34 -8.05 5.14
C GLU B 167 -11.54 -6.91 4.52
N ILE B 168 -11.91 -5.69 4.88
CA ILE B 168 -11.24 -4.49 4.40
C ILE B 168 -10.20 -4.07 5.43
N ARG B 169 -8.99 -3.79 4.95
CA ARG B 169 -7.89 -3.38 5.81
C ARG B 169 -7.47 -1.95 5.49
N TYR B 170 -7.43 -1.11 6.51
CA TYR B 170 -7.11 0.31 6.35
C TYR B 170 -5.66 0.65 6.72
N ARG B 171 -4.91 1.21 5.77
CA ARG B 171 -3.55 1.67 6.06
C ARG B 171 -3.61 2.96 6.87
N LYS B 172 -4.68 3.71 6.69
CA LYS B 172 -4.96 4.91 7.49
C LYS B 172 -6.46 5.09 7.61
N GLN B 173 -6.91 5.80 8.64
CA GLN B 173 -8.33 5.98 8.90
C GLN B 173 -8.86 7.26 8.25
N PRO B 174 -9.75 7.11 7.24
CA PRO B 174 -10.37 8.29 6.63
C PRO B 174 -11.58 8.75 7.44
N TRP B 175 -11.91 10.04 7.37
CA TRP B 175 -13.06 10.53 8.12
C TRP B 175 -14.35 9.89 7.61
N SER B 176 -15.42 10.05 8.37
CA SER B 176 -16.65 9.27 8.19
C SER B 176 -17.13 9.22 6.74
N LEU B 177 -17.20 10.37 6.09
CA LEU B 177 -17.77 10.46 4.75
C LEU B 177 -17.03 9.58 3.74
N VAL B 178 -15.71 9.72 3.70
CA VAL B 178 -14.88 8.94 2.79
C VAL B 178 -14.93 7.46 3.16
N LYS B 179 -14.82 7.16 4.45
CA LYS B 179 -14.83 5.78 4.91
C LYS B 179 -16.14 5.10 4.55
N SER B 180 -17.23 5.84 4.65
CA SER B 180 -18.55 5.29 4.34
C SER B 180 -18.64 4.96 2.85
N LEU B 181 -18.02 5.80 2.04
CA LEU B 181 -18.01 5.62 0.59
C LEU B 181 -17.16 4.42 0.18
N ILE B 182 -15.99 4.28 0.81
CA ILE B 182 -15.10 3.14 0.53
C ILE B 182 -15.79 1.83 0.83
N GLU B 183 -16.42 1.75 2.01
CA GLU B 183 -17.11 0.54 2.45
C GLU B 183 -18.22 0.13 1.49
N LYS B 184 -19.04 1.09 1.10
CA LYS B 184 -20.19 0.84 0.23
C LYS B 184 -19.79 0.29 -1.14
N ASN B 185 -18.98 1.04 -1.89
CA ASN B 185 -18.58 0.64 -3.23
C ASN B 185 -17.72 -0.64 -3.24
N SER B 186 -16.96 -0.84 -2.17
CA SER B 186 -16.08 -2.00 -2.08
C SER B 186 -16.88 -3.30 -1.94
N TRP B 187 -17.70 -3.39 -0.89
CA TRP B 187 -18.46 -4.61 -0.62
C TRP B 187 -19.45 -4.93 -1.74
N SER B 188 -20.00 -3.91 -2.37
CA SER B 188 -20.95 -4.11 -3.47
C SER B 188 -20.28 -4.82 -4.65
N GLY B 189 -19.03 -4.46 -4.92
CA GLY B 189 -18.27 -5.12 -5.97
C GLY B 189 -17.75 -6.48 -5.55
N ILE B 190 -17.34 -6.60 -4.28
CA ILE B 190 -16.81 -7.85 -3.76
C ILE B 190 -17.85 -8.97 -3.81
N GLU B 191 -19.02 -8.72 -3.23
CA GLU B 191 -20.07 -9.72 -3.22
C GLU B 191 -20.55 -9.99 -4.64
N ASP B 192 -20.71 -8.92 -5.42
CA ASP B 192 -21.07 -9.04 -6.82
C ASP B 192 -20.13 -9.98 -7.57
N TYR B 193 -18.86 -9.96 -7.19
CA TYR B 193 -17.85 -10.79 -7.83
C TYR B 193 -17.97 -12.23 -7.35
N PHE B 194 -17.97 -12.42 -6.04
CA PHE B 194 -17.98 -13.75 -5.44
C PHE B 194 -19.34 -14.43 -5.58
N HIS B 195 -20.39 -13.64 -5.75
CA HIS B 195 -21.71 -14.22 -6.00
C HIS B 195 -21.71 -14.88 -7.38
N HIS B 196 -21.05 -14.25 -8.34
CA HIS B 196 -20.96 -14.81 -9.69
C HIS B 196 -20.05 -16.04 -9.74
N LEU B 197 -18.99 -16.04 -8.94
CA LEU B 197 -18.04 -17.14 -8.92
C LEU B 197 -18.71 -18.44 -8.46
N ASP B 198 -19.68 -18.31 -7.55
CA ASP B 198 -20.39 -19.47 -7.01
C ASP B 198 -21.31 -20.08 -8.05
N ARG B 199 -21.93 -19.22 -8.87
CA ARG B 199 -22.90 -19.65 -9.86
C ARG B 199 -22.30 -20.63 -10.87
N GLU B 200 -21.00 -20.55 -11.06
CA GLU B 200 -20.32 -21.36 -12.08
C GLU B 200 -20.42 -22.85 -11.79
N LEU B 201 -20.54 -23.63 -12.87
CA LEU B 201 -20.89 -25.04 -12.79
C LEU B 201 -19.89 -25.95 -13.51
N ALA B 202 -20.17 -27.24 -13.52
CA ALA B 202 -19.31 -28.22 -14.18
C ALA B 202 -20.01 -29.58 -14.30
N LEU C 34 8.45 -26.33 29.55
CA LEU C 34 7.64 -25.14 29.72
C LEU C 34 8.41 -24.03 30.49
N PRO C 35 9.57 -23.61 29.95
CA PRO C 35 10.45 -22.66 30.65
C PRO C 35 10.04 -21.20 30.53
N ASP C 36 10.29 -20.42 31.58
CA ASP C 36 10.06 -18.98 31.57
C ASP C 36 11.29 -18.24 31.05
N LEU C 37 11.22 -16.91 31.05
CA LEU C 37 12.35 -16.08 30.66
C LEU C 37 13.14 -15.63 31.89
N SER C 38 14.44 -15.81 31.82
CA SER C 38 15.33 -15.49 32.93
C SER C 38 15.37 -13.99 33.22
N GLY C 39 14.24 -13.45 33.68
CA GLY C 39 14.16 -12.05 34.05
C GLY C 39 13.20 -11.82 35.20
N ARG C 40 11.91 -11.70 34.90
CA ARG C 40 10.90 -11.52 35.92
C ARG C 40 9.56 -12.04 35.42
N LEU C 41 8.77 -12.61 36.33
CA LEU C 41 7.42 -13.03 36.01
C LEU C 41 6.49 -11.86 36.34
N LEU C 42 5.92 -11.25 35.32
CA LEU C 42 5.12 -10.05 35.49
C LEU C 42 3.66 -10.37 35.78
N ILE C 43 3.16 -11.42 35.14
CA ILE C 43 1.76 -11.82 35.28
C ILE C 43 1.64 -13.33 35.44
N ASN C 44 0.93 -13.73 36.48
CA ASN C 44 0.59 -15.13 36.73
C ASN C 44 -0.79 -15.19 37.34
N SER C 45 -1.79 -14.98 36.49
CA SER C 45 -3.15 -14.74 36.94
C SER C 45 -4.13 -15.63 36.19
N VAL C 46 -5.15 -16.09 36.91
CA VAL C 46 -6.19 -16.94 36.35
C VAL C 46 -7.47 -16.10 36.20
N PHE C 47 -8.06 -16.14 35.02
CA PHE C 47 -9.28 -15.40 34.73
C PHE C 47 -10.37 -16.37 34.29
N HIS C 48 -11.62 -16.02 34.58
CA HIS C 48 -12.74 -16.79 34.09
C HIS C 48 -13.15 -16.32 32.69
N MET C 49 -12.16 -16.30 31.79
CA MET C 49 -12.38 -16.06 30.38
C MET C 49 -11.64 -17.13 29.59
N GLY C 50 -12.27 -17.61 28.52
CA GLY C 50 -11.68 -18.68 27.73
C GLY C 50 -10.35 -18.26 27.11
N ALA C 51 -9.49 -19.24 26.85
CA ALA C 51 -8.22 -19.00 26.16
C ALA C 51 -8.45 -18.40 24.77
N GLU C 52 -9.66 -18.58 24.25
CA GLU C 52 -10.00 -18.10 22.92
C GLU C 52 -10.22 -16.59 22.94
N ARG C 53 -11.02 -16.12 23.90
CA ARG C 53 -11.30 -14.70 23.99
C ARG C 53 -10.06 -13.96 24.45
N LEU C 54 -9.32 -14.57 25.38
CA LEU C 54 -8.12 -13.96 25.90
C LEU C 54 -7.09 -13.76 24.80
N GLN C 55 -6.96 -14.76 23.93
CA GLN C 55 -6.08 -14.66 22.77
C GLN C 55 -6.57 -13.59 21.78
N GLN C 56 -7.89 -13.39 21.74
CA GLN C 56 -8.49 -12.39 20.87
C GLN C 56 -8.19 -10.98 21.36
N MET C 57 -8.31 -10.78 22.67
CA MET C 57 -8.14 -9.46 23.26
C MET C 57 -6.69 -8.97 23.17
N LEU C 58 -5.72 -9.90 23.24
CA LEU C 58 -4.31 -9.55 23.34
C LEU C 58 -3.53 -9.70 22.04
N PHE C 59 -4.04 -10.53 21.13
CA PHE C 59 -3.29 -10.90 19.93
C PHE C 59 -4.10 -10.79 18.65
N SER C 60 -4.75 -9.64 18.50
CA SER C 60 -5.40 -9.25 17.26
C SER C 60 -5.68 -7.76 17.35
N ASP C 61 -6.31 -7.18 16.33
CA ASP C 61 -6.63 -5.75 16.32
C ASP C 61 -7.90 -5.52 17.15
N SER C 62 -7.88 -5.97 18.39
CA SER C 62 -9.08 -5.96 19.22
C SER C 62 -9.34 -4.56 19.76
N PRO C 63 -10.62 -4.25 20.07
CA PRO C 63 -10.94 -2.99 20.74
C PRO C 63 -10.29 -2.86 22.13
N PHE C 64 -10.15 -3.99 22.82
CA PHE C 64 -9.53 -4.01 24.14
C PHE C 64 -8.08 -3.54 24.07
N LEU C 65 -7.35 -4.08 23.10
CA LEU C 65 -5.93 -3.77 22.97
C LEU C 65 -5.75 -2.32 22.55
N GLN C 66 -6.54 -1.89 21.57
CA GLN C 66 -6.51 -0.51 21.13
C GLN C 66 -6.80 0.41 22.30
N GLY C 67 -7.83 0.09 23.06
CA GLY C 67 -8.23 0.88 24.20
C GLY C 67 -7.17 0.93 25.28
N PHE C 68 -6.55 -0.22 25.54
CA PHE C 68 -5.54 -0.29 26.58
C PHE C 68 -4.32 0.53 26.19
N LEU C 69 -3.89 0.39 24.94
CA LEU C 69 -2.76 1.18 24.44
C LEU C 69 -3.09 2.66 24.44
N GLN C 70 -4.38 2.97 24.32
CA GLN C 70 -4.84 4.35 24.38
C GLN C 70 -4.77 4.90 25.80
N GLN C 71 -5.09 4.06 26.78
CA GLN C 71 -4.99 4.45 28.18
C GLN C 71 -3.53 4.62 28.61
N ARG C 72 -2.63 3.94 27.89
CA ARG C 72 -1.20 4.01 28.19
C ARG C 72 -0.54 5.14 27.39
N LYS C 73 -1.36 5.97 26.75
CA LYS C 73 -0.90 7.17 26.06
C LYS C 73 0.00 6.88 24.86
N PHE C 74 -0.19 5.72 24.24
CA PHE C 74 0.56 5.38 23.03
C PHE C 74 -0.15 5.97 21.83
N THR C 75 0.63 6.45 20.88
CA THR C 75 0.11 7.05 19.66
C THR C 75 0.71 6.38 18.43
N ASP C 76 0.10 6.60 17.27
CA ASP C 76 0.57 6.06 15.99
C ASP C 76 0.62 4.54 16.04
N VAL C 77 -0.41 3.94 16.62
CA VAL C 77 -0.44 2.50 16.82
C VAL C 77 -0.84 1.77 15.54
N THR C 78 0.02 0.88 15.08
CA THR C 78 -0.29 -0.03 13.98
C THR C 78 -0.15 -1.46 14.45
N LEU C 79 -1.24 -2.21 14.37
CA LEU C 79 -1.24 -3.63 14.69
C LEU C 79 -1.52 -4.44 13.42
N SER C 80 -0.45 -4.92 12.79
CA SER C 80 -0.60 -5.69 11.56
C SER C 80 -1.26 -7.05 11.80
N PRO C 81 -1.79 -7.66 10.73
CA PRO C 81 -2.35 -9.02 10.85
C PRO C 81 -1.26 -10.08 10.96
N TRP C 82 -1.64 -11.28 11.38
CA TRP C 82 -0.73 -12.41 11.45
C TRP C 82 -0.48 -12.98 10.06
N SER C 83 0.76 -13.38 9.78
CA SER C 83 1.11 -13.92 8.47
C SER C 83 2.25 -14.92 8.60
N SER C 84 2.34 -15.84 7.65
CA SER C 84 3.42 -16.83 7.65
C SER C 84 4.57 -16.40 6.76
N ASP C 85 5.79 -16.64 7.23
CA ASP C 85 6.99 -16.26 6.51
C ASP C 85 7.72 -17.50 5.96
N SER C 86 8.96 -17.32 5.51
CA SER C 86 9.75 -18.42 4.95
C SER C 86 10.10 -19.45 6.03
N LYS C 87 10.20 -19.01 7.28
CA LYS C 87 10.42 -19.91 8.41
C LYS C 87 9.08 -20.50 8.90
N CYS C 88 8.01 -20.06 8.25
CA CYS C 88 6.66 -20.62 8.42
C CYS C 88 6.15 -20.76 9.85
N HIS C 89 6.50 -19.81 10.71
CA HIS C 89 5.82 -19.66 11.99
C HIS C 89 5.16 -18.28 11.99
N GLN C 90 3.92 -18.21 12.44
CA GLN C 90 3.11 -17.01 12.34
C GLN C 90 3.71 -15.81 13.10
N ARG C 91 3.85 -14.70 12.39
CA ARG C 91 4.37 -13.47 12.96
C ARG C 91 3.46 -12.28 12.68
N ARG C 92 3.57 -11.25 13.51
CA ARG C 92 3.00 -9.95 13.22
C ARG C 92 3.93 -8.90 13.80
N VAL C 93 3.99 -7.74 13.15
CA VAL C 93 4.83 -6.63 13.59
C VAL C 93 3.94 -5.49 14.09
N LEU C 94 4.28 -4.99 15.26
CA LEU C 94 3.56 -3.90 15.91
C LEU C 94 4.45 -2.68 15.97
N THR C 95 3.92 -1.53 15.59
CA THR C 95 4.64 -0.28 15.79
C THR C 95 3.74 0.67 16.57
N TYR C 96 4.37 1.50 17.40
CA TYR C 96 3.65 2.56 18.11
C TYR C 96 4.64 3.51 18.77
N THR C 97 4.16 4.71 19.06
CA THR C 97 4.93 5.74 19.73
C THR C 97 4.58 5.77 21.21
N ILE C 98 5.60 5.79 22.06
CA ILE C 98 5.41 5.80 23.50
C ILE C 98 5.86 7.12 24.12
N PRO C 99 5.24 7.53 25.23
CA PRO C 99 5.76 8.65 26.02
C PRO C 99 6.87 8.17 26.95
N ILE C 100 7.91 8.99 27.15
CA ILE C 100 8.96 8.64 28.10
C ILE C 100 9.07 9.73 29.17
N SER C 101 9.68 9.37 30.29
CA SER C 101 9.73 10.24 31.47
C SER C 101 10.45 11.56 31.16
N GLY C 105 14.28 13.70 28.89
CA GLY C 105 14.17 13.21 27.52
C GLY C 105 13.46 14.18 26.60
N PRO C 106 13.07 13.70 25.40
CA PRO C 106 12.33 14.51 24.41
C PRO C 106 10.81 14.38 24.52
N LYS C 107 10.34 13.62 25.52
CA LYS C 107 8.91 13.42 25.79
C LYS C 107 8.21 12.41 24.85
N SER C 108 8.97 11.75 23.97
CA SER C 108 8.38 10.77 23.04
C SER C 108 9.41 9.78 22.48
N ALA C 109 8.95 8.59 22.11
CA ALA C 109 9.81 7.55 21.54
C ALA C 109 8.98 6.56 20.71
N SER C 110 9.64 5.87 19.78
CA SER C 110 8.97 4.88 18.94
C SER C 110 9.38 3.46 19.30
N VAL C 111 8.51 2.51 19.01
CA VAL C 111 8.72 1.11 19.38
C VAL C 111 8.34 0.19 18.24
N VAL C 112 9.22 -0.75 17.91
CA VAL C 112 8.92 -1.83 16.98
C VAL C 112 8.91 -3.17 17.71
N GLU C 113 7.72 -3.77 17.81
CA GLU C 113 7.54 -5.05 18.49
C GLU C 113 7.17 -6.14 17.49
N THR C 114 7.95 -7.22 17.47
CA THR C 114 7.70 -8.36 16.60
C THR C 114 7.25 -9.58 17.43
N GLN C 115 6.08 -10.12 17.10
CA GLN C 115 5.52 -11.24 17.84
C GLN C 115 5.48 -12.51 17.00
N THR C 116 5.65 -13.66 17.66
CA THR C 116 5.54 -14.95 17.00
C THR C 116 4.60 -15.84 17.80
N LEU C 117 3.56 -16.36 17.14
CA LEU C 117 2.57 -17.19 17.81
C LEU C 117 2.82 -18.67 17.54
N PHE C 118 2.58 -19.48 18.58
CA PHE C 118 2.71 -20.94 18.50
C PHE C 118 1.44 -21.62 19.01
N ARG C 119 0.92 -22.56 18.22
CA ARG C 119 -0.30 -23.26 18.56
C ARG C 119 -0.55 -24.41 17.60
N GLY C 126 -4.93 -23.84 24.38
CA GLY C 126 -3.66 -23.22 24.71
C GLY C 126 -3.14 -22.28 23.63
N CYS C 127 -2.02 -21.64 23.93
CA CYS C 127 -1.40 -20.66 23.02
C CYS C 127 -0.11 -20.08 23.63
N VAL C 128 0.91 -19.86 22.80
CA VAL C 128 2.16 -19.24 23.24
C VAL C 128 2.62 -18.18 22.25
N VAL C 129 3.05 -17.03 22.76
CA VAL C 129 3.50 -15.93 21.91
C VAL C 129 4.83 -15.36 22.41
N ASP C 130 5.82 -15.32 21.51
CA ASP C 130 7.13 -14.73 21.80
C ASP C 130 7.24 -13.33 21.22
N SER C 131 7.64 -12.37 22.05
CA SER C 131 7.67 -10.97 21.66
C SER C 131 9.05 -10.34 21.85
N GLU C 132 9.53 -9.67 20.80
CA GLU C 132 10.77 -8.89 20.86
C GLU C 132 10.49 -7.41 20.66
N VAL C 133 10.49 -6.65 21.74
CA VAL C 133 10.25 -5.21 21.69
C VAL C 133 11.55 -4.44 21.54
N LEU C 134 11.67 -3.72 20.42
CA LEU C 134 12.81 -2.85 20.16
C LEU C 134 12.37 -1.39 20.30
N THR C 135 13.24 -0.56 20.86
CA THR C 135 12.91 0.85 21.15
C THR C 135 13.94 1.80 20.54
N GLN C 136 13.45 2.72 19.71
CA GLN C 136 14.29 3.75 19.08
C GLN C 136 13.92 5.13 19.58
N GLY C 137 14.90 6.02 19.64
CA GLY C 137 14.67 7.39 20.07
C GLY C 137 15.07 7.59 21.52
N ILE C 138 16.01 6.77 21.99
CA ILE C 138 16.45 6.85 23.37
C ILE C 138 17.94 6.51 23.48
N PRO C 139 18.60 7.00 24.55
CA PRO C 139 20.01 6.67 24.80
C PRO C 139 20.26 5.16 24.87
N TYR C 140 21.34 4.73 24.22
CA TYR C 140 21.76 3.33 24.25
C TYR C 140 20.71 2.41 23.65
N GLN C 141 20.06 2.87 22.58
CA GLN C 141 19.03 2.08 21.93
C GLN C 141 19.61 0.84 21.26
N ASP C 142 20.80 0.97 20.70
CA ASP C 142 21.42 -0.12 19.96
C ASP C 142 22.25 -1.01 20.90
N TYR C 143 22.18 -0.74 22.20
CA TYR C 143 22.87 -1.54 23.21
C TYR C 143 22.04 -2.72 23.69
N PHE C 144 20.71 -2.58 23.63
CA PHE C 144 19.83 -3.60 24.18
C PHE C 144 18.44 -3.60 23.56
N TYR C 145 17.67 -4.61 23.93
CA TYR C 145 16.26 -4.69 23.64
C TYR C 145 15.63 -5.61 24.68
N THR C 146 14.36 -5.93 24.55
CA THR C 146 13.68 -6.80 25.52
C THR C 146 12.92 -7.92 24.82
N ALA C 147 12.87 -9.06 25.49
CA ALA C 147 12.15 -10.22 25.02
C ALA C 147 11.06 -10.57 26.03
N HIS C 148 9.91 -11.01 25.54
CA HIS C 148 8.76 -11.31 26.40
C HIS C 148 8.08 -12.58 25.92
N ARG C 149 7.54 -13.35 26.86
CA ARG C 149 6.89 -14.61 26.56
C ARG C 149 5.50 -14.61 27.18
N TYR C 150 4.48 -14.78 26.34
CA TYR C 150 3.09 -14.89 26.77
C TYR C 150 2.67 -16.34 26.73
N CYS C 151 2.06 -16.82 27.81
CA CYS C 151 1.59 -18.19 27.87
C CYS C 151 0.12 -18.20 28.27
N ILE C 152 -0.73 -18.63 27.35
CA ILE C 152 -2.15 -18.78 27.60
C ILE C 152 -2.52 -20.26 27.66
N LEU C 153 -2.80 -20.76 28.85
CA LEU C 153 -3.22 -22.15 29.06
C LEU C 153 -4.73 -22.24 29.31
N GLY C 154 -5.44 -22.91 28.41
CA GLY C 154 -6.87 -23.10 28.56
C GLY C 154 -7.19 -24.09 29.68
N LEU C 155 -7.88 -23.62 30.71
CA LEU C 155 -8.24 -24.48 31.83
C LEU C 155 -9.53 -25.24 31.53
N ALA C 156 -10.62 -24.50 31.32
CA ALA C 156 -11.89 -25.05 30.89
C ALA C 156 -12.38 -24.28 29.68
N ARG C 157 -13.69 -24.24 29.48
CA ARG C 157 -14.26 -23.51 28.35
C ARG C 157 -13.98 -22.01 28.49
N ASN C 158 -14.56 -21.41 29.54
CA ASN C 158 -14.41 -19.98 29.83
C ASN C 158 -13.50 -19.77 31.04
N LYS C 159 -12.30 -20.32 30.97
CA LYS C 159 -11.34 -20.18 32.05
C LYS C 159 -9.95 -20.52 31.55
N ALA C 160 -9.00 -19.62 31.82
CA ALA C 160 -7.62 -19.82 31.38
C ALA C 160 -6.68 -18.99 32.24
N ARG C 161 -5.44 -19.49 32.38
CA ARG C 161 -4.41 -18.75 33.09
C ARG C 161 -3.46 -18.07 32.11
N LEU C 162 -3.00 -16.89 32.51
CA LEU C 162 -2.07 -16.11 31.70
C LEU C 162 -0.75 -15.96 32.45
N ARG C 163 0.32 -16.45 31.83
CA ARG C 163 1.66 -16.25 32.37
C ARG C 163 2.45 -15.35 31.43
N VAL C 164 3.07 -14.32 32.00
CA VAL C 164 3.91 -13.41 31.24
C VAL C 164 5.24 -13.20 31.97
N SER C 165 6.32 -13.58 31.31
CA SER C 165 7.66 -13.34 31.82
C SER C 165 8.44 -12.53 30.78
N SER C 166 9.43 -11.77 31.25
CA SER C 166 10.20 -10.89 30.39
C SER C 166 11.69 -11.01 30.69
N GLU C 167 12.53 -10.51 29.79
CA GLU C 167 13.96 -10.45 30.03
C GLU C 167 14.61 -9.40 29.15
N ILE C 168 15.66 -8.77 29.68
CA ILE C 168 16.43 -7.79 28.94
C ILE C 168 17.64 -8.47 28.31
N ARG C 169 17.82 -8.22 27.01
CA ARG C 169 18.93 -8.78 26.26
C ARG C 169 19.86 -7.66 25.79
N TYR C 170 21.16 -7.96 25.73
CA TYR C 170 22.17 -6.99 25.33
C TYR C 170 22.85 -7.39 24.04
N ARG C 171 22.89 -6.47 23.08
CA ARG C 171 23.66 -6.67 21.86
C ARG C 171 25.13 -6.31 22.11
N LYS C 172 25.35 -5.16 22.74
CA LYS C 172 26.68 -4.72 23.18
C LYS C 172 26.73 -4.72 24.70
N GLN C 173 27.93 -4.55 25.26
CA GLN C 173 28.09 -4.56 26.71
C GLN C 173 28.59 -3.21 27.23
N PRO C 174 27.66 -2.41 27.79
CA PRO C 174 28.04 -1.13 28.41
C PRO C 174 28.60 -1.34 29.79
N TRP C 175 29.30 -0.35 30.34
CA TRP C 175 29.92 -0.54 31.65
C TRP C 175 28.86 -0.48 32.75
N SER C 176 29.27 -0.82 33.97
CA SER C 176 28.37 -1.05 35.09
C SER C 176 27.23 -0.03 35.25
N LEU C 177 27.58 1.25 35.33
CA LEU C 177 26.61 2.29 35.63
C LEU C 177 25.53 2.43 34.56
N VAL C 178 25.94 2.34 33.29
CA VAL C 178 25.00 2.43 32.18
C VAL C 178 24.02 1.27 32.26
N LYS C 179 24.57 0.07 32.28
CA LYS C 179 23.77 -1.15 32.42
C LYS C 179 22.82 -1.08 33.62
N SER C 180 23.24 -0.35 34.66
CA SER C 180 22.43 -0.21 35.87
C SER C 180 21.26 0.73 35.62
N LEU C 181 21.52 1.81 34.90
CA LEU C 181 20.47 2.80 34.62
C LEU C 181 19.46 2.24 33.61
N ILE C 182 19.93 1.41 32.69
CA ILE C 182 19.04 0.77 31.73
C ILE C 182 18.05 -0.11 32.47
N GLU C 183 18.57 -1.06 33.24
CA GLU C 183 17.72 -2.04 33.91
C GLU C 183 16.77 -1.42 34.92
N LYS C 184 17.12 -0.24 35.42
CA LYS C 184 16.27 0.45 36.38
C LYS C 184 15.04 1.02 35.68
N ASN C 185 15.27 1.79 34.62
CA ASN C 185 14.19 2.44 33.88
C ASN C 185 13.36 1.44 33.07
N SER C 186 14.02 0.37 32.62
CA SER C 186 13.34 -0.67 31.88
C SER C 186 12.27 -1.34 32.73
N TRP C 187 12.69 -2.01 33.79
CA TRP C 187 11.78 -2.83 34.59
C TRP C 187 10.65 -2.01 35.20
N SER C 188 10.93 -0.80 35.66
CA SER C 188 9.89 0.05 36.20
C SER C 188 8.86 0.35 35.12
N GLY C 189 9.32 0.52 33.89
CA GLY C 189 8.45 0.76 32.75
C GLY C 189 7.76 -0.50 32.27
N ILE C 190 8.48 -1.62 32.33
CA ILE C 190 7.90 -2.91 31.96
C ILE C 190 6.88 -3.37 33.02
N GLU C 191 7.25 -3.21 34.29
CA GLU C 191 6.36 -3.62 35.38
C GLU C 191 5.05 -2.85 35.36
N ASP C 192 5.13 -1.53 35.23
CA ASP C 192 3.93 -0.70 35.26
C ASP C 192 2.98 -1.03 34.12
N TYR C 193 3.53 -1.46 32.99
CA TYR C 193 2.71 -1.79 31.83
C TYR C 193 1.89 -3.06 32.08
N PHE C 194 2.56 -4.14 32.45
CA PHE C 194 1.87 -5.40 32.65
C PHE C 194 1.01 -5.38 33.90
N HIS C 195 1.42 -4.58 34.88
CA HIS C 195 0.59 -4.40 36.08
C HIS C 195 -0.71 -3.72 35.70
N HIS C 196 -0.67 -2.82 34.71
CA HIS C 196 -1.89 -2.21 34.21
C HIS C 196 -2.67 -3.20 33.37
N LEU C 197 -1.96 -3.96 32.54
CA LEU C 197 -2.60 -4.96 31.70
C LEU C 197 -3.30 -6.00 32.56
N ASP C 198 -2.66 -6.36 33.66
CA ASP C 198 -3.21 -7.33 34.60
C ASP C 198 -4.53 -6.84 35.19
N ARG C 199 -4.55 -5.57 35.59
CA ARG C 199 -5.76 -4.99 36.20
C ARG C 199 -6.89 -4.85 35.19
N GLU C 200 -6.55 -4.46 33.98
CA GLU C 200 -7.55 -4.26 32.93
C GLU C 200 -8.09 -5.61 32.45
N LEU C 201 -7.30 -6.66 32.60
CA LEU C 201 -7.77 -8.01 32.30
C LEU C 201 -8.64 -8.53 33.45
N ALA C 202 -8.43 -8.00 34.65
CA ALA C 202 -9.27 -8.35 35.79
C ALA C 202 -10.68 -7.78 35.61
N LYS C 203 -10.90 -7.07 34.51
CA LYS C 203 -12.23 -6.63 34.12
C LYS C 203 -12.95 -7.73 33.33
N ALA C 204 -12.59 -8.97 33.66
CA ALA C 204 -13.44 -10.13 33.43
C ALA C 204 -14.50 -10.14 34.52
N GLU C 205 -14.33 -9.26 35.50
CA GLU C 205 -15.36 -8.98 36.47
C GLU C 205 -16.67 -8.67 35.75
N LYS C 206 -16.56 -7.87 34.69
CA LYS C 206 -17.71 -7.52 33.87
C LYS C 206 -18.38 -8.76 33.29
N LEU C 207 -17.56 -9.68 32.78
CA LEU C 207 -18.08 -10.94 32.23
C LEU C 207 -18.88 -11.67 33.30
N SER C 208 -18.25 -11.84 34.47
CA SER C 208 -18.93 -12.45 35.61
C SER C 208 -20.12 -11.60 36.05
N LEU C 209 -20.03 -10.29 35.80
CA LEU C 209 -21.10 -9.35 36.17
C LEU C 209 -22.09 -9.18 35.02
N GLU C 210 -22.37 -10.28 34.32
CA GLU C 210 -23.31 -10.27 33.19
C GLU C 210 -23.97 -11.63 33.02
N LEU D 34 -8.56 23.20 -31.45
CA LEU D 34 -8.13 23.45 -30.08
C LEU D 34 -9.18 24.27 -29.32
N PRO D 35 -10.41 23.73 -29.21
CA PRO D 35 -11.56 24.46 -28.67
C PRO D 35 -11.45 24.78 -27.18
N ASP D 36 -12.54 25.28 -26.61
CA ASP D 36 -12.59 25.67 -25.20
C ASP D 36 -13.91 25.23 -24.58
N LEU D 37 -13.98 25.22 -23.25
CA LEU D 37 -15.18 24.77 -22.56
C LEU D 37 -16.25 25.86 -22.53
N SER D 38 -17.46 25.47 -22.91
CA SER D 38 -18.59 26.40 -22.98
C SER D 38 -19.15 26.71 -21.61
N GLY D 39 -18.45 27.55 -20.86
CA GLY D 39 -18.89 27.95 -19.54
C GLY D 39 -18.32 29.29 -19.14
N ARG D 40 -17.04 29.31 -18.77
CA ARG D 40 -16.36 30.53 -18.36
C ARG D 40 -14.86 30.40 -18.52
N LEU D 41 -14.18 31.52 -18.76
CA LEU D 41 -12.72 31.57 -18.78
C LEU D 41 -12.22 32.21 -17.48
N LEU D 42 -11.71 31.38 -16.57
CA LEU D 42 -11.33 31.83 -15.24
C LEU D 42 -9.98 32.53 -15.23
N ILE D 43 -9.07 32.10 -16.08
CA ILE D 43 -7.73 32.64 -16.14
C ILE D 43 -7.24 32.79 -17.57
N ASN D 44 -6.63 33.94 -17.86
CA ASN D 44 -5.91 34.14 -19.10
C ASN D 44 -4.84 35.19 -18.89
N SER D 45 -3.74 34.78 -18.28
CA SER D 45 -2.67 35.69 -17.90
C SER D 45 -1.31 35.10 -18.27
N VAL D 46 -0.40 35.98 -18.67
CA VAL D 46 0.95 35.59 -19.04
C VAL D 46 1.86 35.69 -17.81
N PHE D 47 2.71 34.69 -17.63
CA PHE D 47 3.68 34.67 -16.54
C PHE D 47 5.08 34.41 -17.09
N HIS D 48 6.06 35.16 -16.59
CA HIS D 48 7.44 35.00 -17.02
C HIS D 48 8.11 33.86 -16.23
N MET D 49 7.64 32.64 -16.51
CA MET D 49 8.24 31.42 -15.99
C MET D 49 8.20 30.36 -17.08
N GLY D 50 9.07 29.36 -16.98
CA GLY D 50 9.14 28.32 -18.00
C GLY D 50 7.84 27.54 -18.13
N ALA D 51 7.52 27.13 -19.36
CA ALA D 51 6.36 26.30 -19.61
C ALA D 51 6.47 25.02 -18.80
N GLU D 52 7.69 24.49 -18.71
CA GLU D 52 7.96 23.35 -17.86
C GLU D 52 7.91 23.78 -16.40
N ARG D 53 8.33 25.01 -16.12
CA ARG D 53 8.28 25.55 -14.77
C ARG D 53 6.84 25.56 -14.26
N LEU D 54 5.97 26.27 -14.97
CA LEU D 54 4.57 26.37 -14.59
C LEU D 54 3.91 24.99 -14.55
N GLN D 55 4.29 24.14 -15.50
CA GLN D 55 3.79 22.77 -15.57
C GLN D 55 4.08 22.01 -14.27
N GLN D 56 5.34 22.07 -13.83
CA GLN D 56 5.78 21.29 -12.67
C GLN D 56 5.24 21.87 -11.37
N MET D 57 4.79 23.11 -11.41
CA MET D 57 4.23 23.76 -10.23
C MET D 57 2.78 23.31 -9.98
N LEU D 58 2.00 23.24 -11.05
CA LEU D 58 0.56 22.99 -10.95
C LEU D 58 0.21 21.51 -11.05
N PHE D 59 0.96 20.77 -11.87
CA PHE D 59 0.61 19.39 -12.17
C PHE D 59 1.66 18.39 -11.69
N SER D 60 2.03 18.50 -10.42
CA SER D 60 2.87 17.54 -9.75
C SER D 60 2.89 17.86 -8.26
N ASP D 61 3.32 16.91 -7.44
CA ASP D 61 3.42 17.15 -6.00
C ASP D 61 4.55 18.13 -5.73
N SER D 62 4.32 19.39 -6.03
CA SER D 62 5.32 20.44 -5.84
C SER D 62 5.04 21.20 -4.55
N PRO D 63 6.06 21.89 -4.02
CA PRO D 63 5.88 22.72 -2.82
C PRO D 63 4.82 23.80 -3.03
N PHE D 64 4.77 24.39 -4.21
CA PHE D 64 3.84 25.46 -4.50
C PHE D 64 2.40 24.98 -4.37
N LEU D 65 2.11 23.82 -4.93
CA LEU D 65 0.75 23.33 -5.00
C LEU D 65 0.19 22.94 -3.63
N GLN D 66 0.89 22.05 -2.94
CA GLN D 66 0.43 21.61 -1.62
C GLN D 66 0.53 22.75 -0.61
N GLY D 67 1.34 23.75 -0.92
CA GLY D 67 1.42 24.95 -0.12
C GLY D 67 0.23 25.85 -0.38
N PHE D 68 -0.34 25.71 -1.58
CA PHE D 68 -1.50 26.49 -1.98
C PHE D 68 -2.80 25.81 -1.57
N LEU D 69 -2.85 24.48 -1.62
CA LEU D 69 -4.03 23.76 -1.20
C LEU D 69 -4.24 23.94 0.30
N GLN D 70 -3.13 24.02 1.03
CA GLN D 70 -3.19 24.21 2.47
C GLN D 70 -3.80 25.58 2.81
N GLN D 71 -3.31 26.63 2.16
CA GLN D 71 -3.78 27.98 2.45
C GLN D 71 -5.26 28.13 2.07
N ARG D 72 -5.71 27.31 1.13
CA ARG D 72 -7.12 27.21 0.78
C ARG D 72 -7.86 26.30 1.76
N LYS D 73 -7.14 25.88 2.81
CA LYS D 73 -7.71 25.10 3.90
C LYS D 73 -8.26 23.75 3.41
N PHE D 74 -7.49 23.08 2.57
CA PHE D 74 -7.84 21.74 2.10
C PHE D 74 -7.08 20.69 2.90
N THR D 75 -7.82 19.70 3.38
CA THR D 75 -7.28 18.66 4.25
C THR D 75 -7.29 17.30 3.54
N ASP D 76 -6.50 16.36 4.07
CA ASP D 76 -6.38 15.01 3.52
C ASP D 76 -5.94 15.03 2.06
N VAL D 77 -5.08 15.99 1.72
CA VAL D 77 -4.63 16.16 0.34
C VAL D 77 -3.78 14.99 -0.10
N THR D 78 -4.15 14.42 -1.24
CA THR D 78 -3.41 13.34 -1.88
C THR D 78 -3.27 13.63 -3.36
N LEU D 79 -2.02 13.73 -3.81
CA LEU D 79 -1.70 13.96 -5.21
C LEU D 79 -0.96 12.75 -5.77
N SER D 80 -1.72 11.80 -6.31
CA SER D 80 -1.11 10.58 -6.86
C SER D 80 -0.17 10.94 -8.01
N PRO D 81 0.73 9.99 -8.36
CA PRO D 81 1.59 10.20 -9.53
C PRO D 81 0.82 10.02 -10.84
N TRP D 82 1.43 10.44 -11.94
CA TRP D 82 0.87 10.23 -13.27
C TRP D 82 1.15 8.82 -13.77
N SER D 83 0.09 8.07 -14.05
CA SER D 83 0.22 6.72 -14.60
C SER D 83 -0.45 6.64 -15.96
N SER D 84 -0.21 5.55 -16.68
CA SER D 84 -0.80 5.36 -18.00
C SER D 84 -2.17 4.70 -17.93
N ASP D 85 -3.11 5.25 -18.69
CA ASP D 85 -4.45 4.69 -18.80
C ASP D 85 -4.40 3.39 -19.60
N SER D 86 -5.54 2.74 -19.72
CA SER D 86 -5.68 1.62 -20.64
C SER D 86 -5.75 2.17 -22.07
N LYS D 87 -6.24 3.41 -22.19
CA LYS D 87 -6.30 4.11 -23.46
C LYS D 87 -5.07 5.00 -23.68
N CYS D 88 -3.97 4.66 -23.00
CA CYS D 88 -2.70 5.37 -23.16
C CYS D 88 -2.80 6.86 -22.88
N HIS D 89 -3.63 7.24 -21.92
CA HIS D 89 -3.75 8.61 -21.47
C HIS D 89 -3.02 8.83 -20.15
N GLN D 90 -2.17 9.84 -20.11
CA GLN D 90 -1.47 10.19 -18.88
C GLN D 90 -2.46 10.78 -17.87
N ARG D 91 -2.78 10.02 -16.81
CA ARG D 91 -3.77 10.45 -15.82
C ARG D 91 -3.28 10.34 -14.37
N ARG D 92 -3.88 11.15 -13.49
CA ARG D 92 -3.66 11.06 -12.04
C ARG D 92 -4.91 11.45 -11.26
N VAL D 93 -5.18 10.75 -10.17
CA VAL D 93 -6.33 11.07 -9.32
C VAL D 93 -5.86 11.91 -8.13
N LEU D 94 -6.62 12.95 -7.82
CA LEU D 94 -6.40 13.78 -6.65
C LEU D 94 -7.58 13.65 -5.71
N THR D 95 -7.32 13.61 -4.41
CA THR D 95 -8.38 13.61 -3.41
C THR D 95 -8.03 14.58 -2.30
N TYR D 96 -9.06 15.22 -1.74
CA TYR D 96 -8.87 16.13 -0.62
C TYR D 96 -10.22 16.57 -0.07
N THR D 97 -10.21 16.98 1.20
CA THR D 97 -11.39 17.46 1.88
C THR D 97 -11.38 18.99 1.87
N ILE D 98 -12.55 19.58 1.62
CA ILE D 98 -12.69 21.03 1.50
C ILE D 98 -13.66 21.60 2.55
N PRO D 99 -13.54 22.89 2.87
CA PRO D 99 -14.47 23.56 3.79
C PRO D 99 -15.74 24.07 3.09
N ILE D 100 -16.89 23.49 3.43
CA ILE D 100 -18.16 23.89 2.84
C ILE D 100 -18.94 24.81 3.78
N LYS D 107 -20.47 21.43 6.72
CA LYS D 107 -19.26 21.92 7.37
C LYS D 107 -18.00 21.64 6.55
N SER D 108 -17.98 20.48 5.88
CA SER D 108 -16.86 20.08 5.02
C SER D 108 -17.30 18.98 4.04
N ALA D 109 -16.52 18.79 2.97
CA ALA D 109 -16.86 17.81 1.93
C ALA D 109 -15.59 17.22 1.31
N SER D 110 -15.75 16.08 0.65
CA SER D 110 -14.62 15.38 0.02
C SER D 110 -14.69 15.53 -1.50
N VAL D 111 -13.52 15.62 -2.12
CA VAL D 111 -13.42 15.84 -3.56
C VAL D 111 -12.58 14.75 -4.22
N VAL D 112 -12.97 14.38 -5.44
CA VAL D 112 -12.20 13.47 -6.28
C VAL D 112 -11.97 14.11 -7.65
N GLU D 113 -10.75 14.59 -7.87
CA GLU D 113 -10.36 15.20 -9.13
C GLU D 113 -9.55 14.21 -9.97
N THR D 114 -9.89 14.08 -11.26
CA THR D 114 -9.15 13.25 -12.20
C THR D 114 -8.64 14.11 -13.36
N GLN D 115 -7.31 14.19 -13.49
CA GLN D 115 -6.68 15.01 -14.52
C GLN D 115 -6.09 14.15 -15.62
N THR D 116 -6.41 14.48 -16.88
CA THR D 116 -5.85 13.81 -18.04
C THR D 116 -4.90 14.74 -18.78
N LEU D 117 -3.62 14.43 -18.78
CA LEU D 117 -2.60 15.27 -19.42
C LEU D 117 -2.39 14.88 -20.87
N PHE D 118 -2.42 15.90 -21.74
CA PHE D 118 -2.15 15.74 -23.15
C PHE D 118 -0.97 16.61 -23.55
N ARG D 119 0.03 15.98 -24.16
CA ARG D 119 1.23 16.67 -24.59
C ARG D 119 1.81 15.99 -25.82
N ARG D 120 2.37 16.79 -26.72
CA ARG D 120 2.93 16.27 -27.97
C ARG D 120 4.33 15.69 -27.78
N GLY D 121 4.53 14.96 -26.68
CA GLY D 121 5.81 14.35 -26.40
C GLY D 121 6.92 15.37 -26.25
N PRO D 122 8.16 15.00 -26.63
CA PRO D 122 9.31 15.92 -26.55
C PRO D 122 9.16 17.17 -27.43
N GLN D 123 8.20 17.15 -28.35
CA GLN D 123 7.93 18.31 -29.20
C GLN D 123 7.63 19.53 -28.33
N ALA D 124 6.97 19.30 -27.21
CA ALA D 124 6.77 20.31 -26.17
C ALA D 124 6.12 21.58 -26.72
N GLY D 125 6.36 22.71 -26.05
CA GLY D 125 5.75 23.98 -26.42
C GLY D 125 4.47 24.17 -25.63
N GLY D 126 3.45 23.41 -26.01
CA GLY D 126 2.13 23.50 -25.40
C GLY D 126 1.82 22.26 -24.58
N CYS D 127 1.10 22.47 -23.48
CA CYS D 127 0.65 21.38 -22.60
C CYS D 127 -0.82 21.58 -22.25
N VAL D 128 -1.58 20.50 -22.31
CA VAL D 128 -3.02 20.53 -22.01
C VAL D 128 -3.37 19.49 -20.95
N VAL D 129 -4.29 19.86 -20.06
CA VAL D 129 -4.76 18.96 -19.02
C VAL D 129 -6.27 19.12 -18.82
N ASP D 130 -7.01 18.04 -19.11
CA ASP D 130 -8.44 17.99 -18.86
C ASP D 130 -8.72 17.49 -17.45
N SER D 131 -9.56 18.21 -16.71
CA SER D 131 -9.81 17.92 -15.31
C SER D 131 -11.31 17.72 -15.00
N GLU D 132 -11.64 16.55 -14.44
CA GLU D 132 -13.00 16.25 -13.96
C GLU D 132 -13.06 16.27 -12.44
N VAL D 133 -13.74 17.25 -11.86
CA VAL D 133 -13.86 17.38 -10.41
C VAL D 133 -15.22 16.88 -9.91
N LEU D 134 -15.19 15.86 -9.06
CA LEU D 134 -16.39 15.32 -8.43
C LEU D 134 -16.38 15.62 -6.92
N THR D 135 -17.53 15.98 -6.36
CA THR D 135 -17.63 16.34 -4.95
C THR D 135 -18.74 15.54 -4.25
N GLN D 136 -18.43 15.05 -3.06
CA GLN D 136 -19.39 14.28 -2.26
C GLN D 136 -19.62 14.95 -0.91
N GLY D 137 -20.75 14.62 -0.29
CA GLY D 137 -21.13 15.20 0.98
C GLY D 137 -21.86 16.52 0.79
N ILE D 138 -22.14 16.86 -0.46
CA ILE D 138 -22.86 18.08 -0.81
C ILE D 138 -24.26 17.74 -1.35
N PRO D 139 -25.25 18.63 -1.12
CA PRO D 139 -26.59 18.43 -1.69
C PRO D 139 -26.56 18.30 -3.22
N TYR D 140 -27.35 17.35 -3.75
CA TYR D 140 -27.44 17.13 -5.20
C TYR D 140 -26.09 16.77 -5.80
N GLN D 141 -25.30 15.98 -5.07
CA GLN D 141 -23.99 15.56 -5.54
C GLN D 141 -24.10 14.66 -6.76
N ASP D 142 -25.18 13.89 -6.81
CA ASP D 142 -25.34 12.87 -7.86
C ASP D 142 -25.84 13.50 -9.16
N TYR D 143 -26.29 14.76 -9.07
CA TYR D 143 -26.90 15.43 -10.22
C TYR D 143 -25.86 16.02 -11.18
N PHE D 144 -24.78 16.59 -10.65
CA PHE D 144 -23.84 17.36 -11.47
C PHE D 144 -22.37 17.15 -11.10
N TYR D 145 -21.49 17.68 -11.95
CA TYR D 145 -20.06 17.76 -11.68
C TYR D 145 -19.45 18.81 -12.61
N THR D 146 -18.19 19.14 -12.40
CA THR D 146 -17.53 20.20 -13.16
C THR D 146 -16.32 19.69 -13.93
N ALA D 147 -16.18 20.16 -15.17
CA ALA D 147 -15.03 19.85 -16.00
C ALA D 147 -14.21 21.12 -16.20
N HIS D 148 -12.88 20.97 -16.27
CA HIS D 148 -11.98 22.10 -16.43
C HIS D 148 -10.87 21.79 -17.43
N ARG D 149 -10.52 22.80 -18.23
CA ARG D 149 -9.45 22.65 -19.21
C ARG D 149 -8.33 23.64 -18.93
N TYR D 150 -7.17 23.10 -18.57
CA TYR D 150 -5.96 23.89 -18.42
C TYR D 150 -5.22 23.91 -19.74
N CYS D 151 -4.46 24.99 -19.98
CA CYS D 151 -3.71 25.12 -21.22
C CYS D 151 -2.46 25.96 -20.95
N ILE D 152 -1.31 25.30 -21.06
CA ILE D 152 -0.01 25.95 -20.89
C ILE D 152 0.70 26.07 -22.23
N LEU D 153 0.84 27.30 -22.72
CA LEU D 153 1.53 27.57 -23.97
C LEU D 153 2.84 28.30 -23.71
N GLY D 154 3.94 27.56 -23.77
CA GLY D 154 5.26 28.16 -23.61
C GLY D 154 5.56 29.12 -24.74
N LEU D 155 5.90 30.35 -24.37
CA LEU D 155 6.28 31.36 -25.36
C LEU D 155 7.80 31.37 -25.58
N ALA D 156 8.55 31.27 -24.48
CA ALA D 156 10.01 31.25 -24.54
C ALA D 156 10.61 30.84 -23.21
N ARG D 157 11.93 30.92 -23.10
CA ARG D 157 12.62 30.64 -21.85
C ARG D 157 12.18 31.67 -20.80
N ASN D 158 11.65 31.16 -19.68
CA ASN D 158 11.13 32.03 -18.63
C ASN D 158 10.01 32.94 -19.13
N LYS D 159 9.04 32.34 -19.83
CA LYS D 159 7.91 33.08 -20.37
C LYS D 159 6.86 32.11 -20.92
N ALA D 160 5.67 32.13 -20.33
CA ALA D 160 4.60 31.24 -20.75
C ALA D 160 3.23 31.87 -20.49
N ARG D 161 2.21 31.31 -21.14
CA ARG D 161 0.83 31.76 -20.95
C ARG D 161 -0.01 30.64 -20.35
N LEU D 162 -1.01 31.02 -19.56
CA LEU D 162 -1.90 30.06 -18.94
C LEU D 162 -3.35 30.38 -19.27
N ARG D 163 -4.07 29.39 -19.79
CA ARG D 163 -5.50 29.48 -20.00
C ARG D 163 -6.21 28.43 -19.16
N VAL D 164 -7.20 28.86 -18.41
CA VAL D 164 -8.03 27.95 -17.62
C VAL D 164 -9.49 28.33 -17.79
N SER D 165 -10.25 27.41 -18.38
CA SER D 165 -11.69 27.58 -18.54
C SER D 165 -12.41 26.42 -17.87
N SER D 166 -13.70 26.61 -17.60
CA SER D 166 -14.48 25.65 -16.86
C SER D 166 -15.90 25.52 -17.42
N GLU D 167 -16.61 24.51 -16.94
CA GLU D 167 -18.01 24.32 -17.29
C GLU D 167 -18.66 23.35 -16.30
N ILE D 168 -19.95 23.54 -16.08
CA ILE D 168 -20.74 22.64 -15.25
C ILE D 168 -21.45 21.64 -16.16
N ARG D 169 -21.44 20.38 -15.75
CA ARG D 169 -22.16 19.32 -16.46
C ARG D 169 -23.17 18.69 -15.52
N TYR D 170 -24.19 18.05 -16.10
CA TYR D 170 -25.29 17.48 -15.31
C TYR D 170 -25.57 16.02 -15.64
N ARG D 171 -25.43 15.15 -14.64
CA ARG D 171 -25.73 13.74 -14.79
C ARG D 171 -27.24 13.54 -14.92
N LYS D 172 -27.98 14.14 -13.99
CA LYS D 172 -29.44 14.18 -14.03
C LYS D 172 -29.88 15.55 -14.51
N GLN D 173 -31.18 15.80 -14.54
CA GLN D 173 -31.70 17.13 -14.87
C GLN D 173 -32.62 17.62 -13.76
N PRO D 174 -32.10 18.47 -12.86
CA PRO D 174 -32.91 19.03 -11.79
C PRO D 174 -33.75 20.22 -12.26
N TRP D 175 -34.72 20.66 -11.48
CA TRP D 175 -35.61 21.72 -11.94
C TRP D 175 -34.94 23.09 -11.81
N SER D 176 -35.56 24.07 -12.46
CA SER D 176 -34.97 25.40 -12.68
C SER D 176 -34.31 26.03 -11.46
N LEU D 177 -34.92 25.88 -10.29
CA LEU D 177 -34.46 26.58 -9.11
C LEU D 177 -33.15 26.05 -8.58
N VAL D 178 -33.10 24.76 -8.27
CA VAL D 178 -31.90 24.16 -7.72
C VAL D 178 -30.73 24.28 -8.70
N LYS D 179 -31.02 24.18 -9.98
CA LYS D 179 -30.01 24.29 -11.02
C LYS D 179 -29.27 25.63 -10.94
N SER D 180 -29.98 26.67 -10.49
CA SER D 180 -29.38 27.99 -10.33
C SER D 180 -28.64 28.08 -9.00
N LEU D 181 -29.16 27.39 -7.98
CA LEU D 181 -28.48 27.32 -6.69
C LEU D 181 -27.18 26.55 -6.82
N ILE D 182 -27.17 25.56 -7.70
CA ILE D 182 -25.95 24.87 -8.08
C ILE D 182 -25.02 25.87 -8.76
N GLU D 183 -25.48 26.46 -9.86
CA GLU D 183 -24.67 27.38 -10.64
C GLU D 183 -24.10 28.53 -9.81
N LYS D 184 -24.91 29.08 -8.91
CA LYS D 184 -24.49 30.23 -8.12
C LYS D 184 -23.35 29.88 -7.18
N ASN D 185 -23.56 28.89 -6.33
CA ASN D 185 -22.57 28.53 -5.33
C ASN D 185 -21.37 27.82 -5.95
N SER D 186 -21.60 27.13 -7.06
CA SER D 186 -20.51 26.50 -7.79
C SER D 186 -19.54 27.56 -8.31
N TRP D 187 -20.01 28.34 -9.29
CA TRP D 187 -19.17 29.33 -9.96
C TRP D 187 -18.47 30.26 -8.97
N SER D 188 -19.17 30.68 -7.92
CA SER D 188 -18.59 31.55 -6.91
C SER D 188 -17.38 30.89 -6.24
N GLY D 189 -17.51 29.61 -5.91
CA GLY D 189 -16.43 28.85 -5.32
C GLY D 189 -15.30 28.62 -6.29
N ILE D 190 -15.67 28.34 -7.55
CA ILE D 190 -14.70 28.14 -8.61
C ILE D 190 -13.96 29.44 -8.92
N GLU D 191 -14.72 30.54 -8.97
CA GLU D 191 -14.17 31.84 -9.31
C GLU D 191 -13.09 32.26 -8.32
N ASP D 192 -13.39 32.12 -7.03
CA ASP D 192 -12.49 32.54 -5.97
C ASP D 192 -11.23 31.69 -5.93
N TYR D 193 -11.39 30.41 -6.24
CA TYR D 193 -10.27 29.48 -6.20
C TYR D 193 -9.22 29.86 -7.24
N PHE D 194 -9.62 29.92 -8.50
CA PHE D 194 -8.67 30.20 -9.57
C PHE D 194 -8.16 31.64 -9.51
N HIS D 195 -8.94 32.52 -8.90
CA HIS D 195 -8.50 33.91 -8.71
C HIS D 195 -7.38 33.98 -7.67
N HIS D 196 -7.39 33.07 -6.71
CA HIS D 196 -6.29 32.95 -5.75
C HIS D 196 -5.08 32.32 -6.41
N LEU D 197 -5.32 31.34 -7.27
CA LEU D 197 -4.26 30.66 -8.00
C LEU D 197 -3.59 31.62 -8.98
N ASP D 198 -4.37 32.53 -9.55
CA ASP D 198 -3.87 33.47 -10.57
C ASP D 198 -2.92 34.49 -9.96
N ARG D 199 -3.27 35.07 -8.83
CA ARG D 199 -2.41 36.13 -8.24
C ARG D 199 -1.20 35.49 -7.55
N GLU D 200 -1.36 34.38 -6.87
CA GLU D 200 -0.25 33.81 -6.14
C GLU D 200 0.79 33.22 -7.09
N LEU D 201 0.36 32.86 -8.28
CA LEU D 201 1.28 32.46 -9.33
C LEU D 201 2.01 33.68 -9.86
N ALA D 202 1.40 34.85 -9.70
CA ALA D 202 2.00 36.11 -10.13
C ALA D 202 2.99 36.64 -9.10
N LYS D 203 2.85 36.20 -7.86
CA LYS D 203 3.76 36.61 -6.79
C LYS D 203 4.83 35.56 -6.61
N ALA D 204 4.47 34.31 -6.89
CA ALA D 204 5.45 33.23 -6.96
C ALA D 204 6.35 33.47 -8.16
N GLU D 205 5.84 34.22 -9.11
CA GLU D 205 6.61 34.63 -10.29
C GLU D 205 7.80 35.49 -9.87
N LYS D 206 7.75 36.03 -8.66
CA LYS D 206 8.84 36.85 -8.12
C LYS D 206 9.77 36.03 -7.24
C18 HC3 E . 15.33 -2.07 0.80
C13 HC3 E . 13.89 -2.61 0.79
C12 HC3 E . 14.04 -4.01 0.53
C11 HC3 E . 14.60 -4.34 -0.97
C9 HC3 E . 13.79 -3.66 -2.07
C10 HC3 E . 14.33 -3.99 -3.56
C19 HC3 E . 15.85 -3.90 -3.54
C1 HC3 E . 13.98 -5.43 -3.93
C2 HC3 E . 14.40 -5.79 -5.33
C3 HC3 E . 13.84 -4.85 -6.36
O1 HC3 E . 14.37 -5.17 -7.65
C4 HC3 E . 14.18 -3.39 -6.04
C5 HC3 E . 13.82 -3.07 -4.59
C6 HC3 E . 13.48 -1.51 -4.17
C7 HC3 E . 12.85 -1.31 -2.84
C8 HC3 E . 13.72 -2.17 -1.77
C14 HC3 E . 13.15 -1.93 -0.39
C15 HC3 E . 12.87 -0.42 0.10
C16 HC3 E . 12.79 -0.58 1.81
C17 HC3 E . 13.13 -2.04 2.14
C20 HC3 E . 13.90 -2.27 3.35
C21 HC3 E . 13.44 -3.64 3.94
C22 HC3 E . 13.84 -1.17 4.46
C23 HC3 E . 13.13 -1.54 5.74
C24 HC3 E . 12.97 -0.25 6.50
C25 HC3 E . 12.70 -0.52 7.96
C26 HC3 E . 12.41 0.81 8.62
C27 HC3 E . 11.50 -1.44 8.09
O2 HC3 E . 13.84 -1.11 8.54
C1 GOL F . 15.32 -6.17 -12.17
O1 GOL F . 15.83 -5.50 -11.03
C2 GOL F . 13.86 -6.51 -11.97
O2 GOL F . 13.24 -6.64 -13.23
C3 GOL F . 13.66 -7.80 -11.18
O3 GOL F . 13.32 -7.53 -9.83
C18 HC3 G . -14.20 -3.77 -5.90
C13 HC3 G . -12.69 -3.60 -5.98
C12 HC3 G . -12.34 -4.07 -7.28
C11 HC3 G . -12.50 -5.68 -7.49
C9 HC3 G . -11.78 -6.47 -6.41
C10 HC3 G . -11.91 -8.06 -6.64
C19 HC3 G . -13.39 -8.41 -6.79
C1 HC3 G . -11.22 -8.44 -7.95
C2 HC3 G . -11.10 -9.93 -8.15
C3 HC3 G . -10.43 -10.59 -6.99
O1 HC3 G . -10.32 -12.00 -7.19
C4 HC3 G . -11.20 -10.33 -5.70
C5 HC3 G . -11.38 -8.83 -5.48
C6 HC3 G . -11.73 -8.24 -3.97
C7 HC3 G . -11.56 -6.77 -3.80
C8 HC3 G . -12.27 -5.99 -5.04
C14 HC3 G . -12.05 -4.49 -4.88
C15 HC3 G . -12.40 -3.74 -3.49
C16 HC3 G . -12.45 -2.08 -3.95
C17 HC3 G . -12.37 -2.06 -5.49
C20 HC3 G . -13.27 -1.07 -6.01
C21 HC3 G . -13.27 -1.05 -7.56
C22 HC3 G . -12.87 0.35 -5.52
C23 HC3 G . -14.10 1.02 -4.92
C24 HC3 G . -13.70 2.22 -4.08
C25 HC3 G . -13.91 3.59 -4.72
C26 HC3 G . -14.53 4.51 -3.69
C27 HC3 G . -12.57 4.18 -5.12
O2 HC3 G . -14.73 3.55 -5.85
C1 GOL H . -8.23 -15.40 -8.91
O1 GOL H . -8.88 -14.28 -8.34
C2 GOL H . -8.86 -16.70 -8.41
O2 GOL H . -7.87 -17.54 -7.87
C3 GOL H . -9.92 -16.44 -7.35
O3 GOL H . -10.79 -15.41 -7.75
C18 HC3 I . 10.04 0.68 29.01
C13 HC3 I . 10.43 0.63 27.54
C12 HC3 I . 9.35 1.25 26.85
C11 HC3 I . 7.95 0.41 26.89
C9 HC3 I . 8.12 -1.03 26.45
C10 HC3 I . 6.73 -1.86 26.55
C19 HC3 I . 6.15 -1.69 27.95
C1 HC3 I . 5.74 -1.27 25.55
C2 HC3 I . 4.49 -2.11 25.38
C3 HC3 I . 4.80 -3.53 25.05
O1 HC3 I . 3.59 -4.30 24.99
C4 HC3 I . 5.69 -4.15 26.12
C5 HC3 I . 6.94 -3.31 26.32
C6 HC3 I . 8.34 -4.05 26.78
C7 HC3 I . 9.56 -3.20 26.71
C8 HC3 I . 9.27 -1.68 27.22
C14 HC3 I . 10.54 -0.87 27.13
C15 HC3 I . 11.90 -1.41 27.82
C16 HC3 I . 12.84 0.02 28.01
C17 HC3 I . 11.99 1.17 27.46
C20 HC3 I . 12.29 2.39 28.16
C21 HC3 I . 11.72 3.62 27.38
C22 HC3 I . 13.83 2.57 28.31
C23 HC3 I . 14.20 3.98 28.72
C24 HC3 I . 15.66 4.00 29.09
C25 HC3 I . 16.19 5.40 29.35
C26 HC3 I . 16.80 5.94 28.09
C27 HC3 I . 15.12 6.38 29.83
O2 HC3 I . 17.20 5.32 30.32
C1 GOL J . 1.27 -6.17 22.61
O1 GOL J . 1.46 -5.00 23.36
C2 GOL J . 0.06 -6.96 23.11
O2 GOL J . -0.05 -8.17 22.40
C3 GOL J . 0.22 -7.27 24.59
O3 GOL J . 0.72 -6.15 25.28
C18 HC3 K . -17.25 24.95 -5.45
C13 HC3 K . -17.22 23.43 -5.38
C12 HC3 K . -16.23 23.13 -4.37
C11 HC3 K . -14.69 23.54 -4.79
C9 HC3 K . -14.29 23.04 -6.17
C10 HC3 K . -12.80 23.54 -6.61
C19 HC3 K . -12.66 25.00 -6.30
C1 HC3 K . -11.83 22.75 -5.71
C2 HC3 K . -10.39 22.78 -6.17
C3 HC3 K . -10.30 22.34 -7.59
O1 HC3 K . -8.95 22.24 -8.01
C4 HC3 K . -11.06 23.30 -8.50
C5 HC3 K . -12.53 23.36 -8.07
C6 HC3 K . -13.76 23.23 -9.18
C7 HC3 K . -15.08 22.77 -8.67
C8 HC3 K . -15.36 23.39 -7.19
C14 HC3 K . -16.72 22.89 -6.76
C15 HC3 K . -17.98 22.96 -7.76
C16 HC3 K . -19.34 22.83 -6.73
C17 HC3 K . -18.80 22.93 -5.29
C20 HC3 K . -19.68 23.75 -4.51
C21 HC3 K . -19.28 23.72 -3.01
C22 HC3 K . -21.14 23.23 -4.68
C23 HC3 K . -22.07 23.73 -3.59
C24 HC3 K . -23.49 23.64 -4.12
C25 HC3 K . -24.54 23.60 -3.04
C26 HC3 K . -24.88 22.16 -2.76
C27 HC3 K . -24.13 24.30 -1.74
O2 HC3 K . -25.71 24.24 -3.51
C1 GOL L . -4.21 22.99 -10.55
O1 GOL L . -5.34 23.82 -10.39
C2 GOL L . -4.60 21.53 -10.33
O2 GOL L . -3.55 20.66 -10.72
C3 GOL L . -4.93 21.29 -8.86
O3 GOL L . -6.03 22.08 -8.49
#